data_6UI5
#
_entry.id   6UI5
#
_cell.length_a   61.205
_cell.length_b   85.605
_cell.length_c   207.683
_cell.angle_alpha   90.000
_cell.angle_beta   90.000
_cell.angle_gamma   90.000
#
_symmetry.space_group_name_H-M   'P 21 21 21'
#
loop_
_entity.id
_entity.type
_entity.pdbx_description
1 polymer '2-polyprenyl-6-methoxyphenol hydroxylase-like FAD-dependent oxidoreductase'
2 non-polymer 'FLAVIN-ADENINE DINUCLEOTIDE'
3 water water
#
_entity_poly.entity_id   1
_entity_poly.type   'polypeptide(L)'
_entity_poly.pdbx_seq_one_letter_code
;MSEPVVVVGAGPAGLMLACELAMRDVPAVLVDIHPTQRAEAPAMAINAGTLEMLDQRGLAAGLREGTVTFPEVRFADLRL
AFEKVQGPREPTHMVLQSRLEKVLIDRAVELGVDLRWATRLTGFEEAADGSGVTVTLASDAGEEQLRCRYLVGCDGRESI
VRKQAGIDYVGDDWVIVRGIVGDVAINREDVAPEQYGLSYTDNGDQFLGAPLSPDVMRVFSAEFSTEPPEFEDGPATLEQ
LGDAVKRLTGKELKATEAHWLQHYSIVTRNAEQYRKGRVFIAGDAAHVHYPYNGQGLGTAIGDAVNLGWKIAAEVHGWAP
ADLLDSYHVERHLAGRLACMNIQAQLALLYPRPLARYMREMMGEFLKFDEVNVFLAEIVTNLGPAVPIAYEGVPEPVEGD
RLLGRRLPKVQIKTADGDMGVAETLQSGRGVLLDLSGDASAQEESGWADRVDVVRAQPVPDLPGTLLLRPDGCVAWHDGG
GWGQDELRTALRTWFGAPTG
;
_entity_poly.pdbx_strand_id   A,B
#
# COMPACT_ATOMS: atom_id res chain seq x y z
N GLU A 3 -43.65 15.63 18.62
CA GLU A 3 -42.37 16.11 18.13
C GLU A 3 -41.59 14.95 17.47
N PRO A 4 -41.74 14.77 16.16
CA PRO A 4 -41.18 13.60 15.50
C PRO A 4 -39.75 13.84 15.01
N VAL A 5 -39.09 12.73 14.66
CA VAL A 5 -37.84 12.73 13.91
C VAL A 5 -38.13 12.18 12.52
N VAL A 6 -37.76 12.93 11.48
CA VAL A 6 -38.05 12.52 10.10
C VAL A 6 -36.81 11.85 9.50
N VAL A 7 -37.02 10.64 8.99
CA VAL A 7 -36.00 9.86 8.28
C VAL A 7 -36.46 9.73 6.83
N VAL A 8 -35.61 10.18 5.90
CA VAL A 8 -35.98 10.22 4.47
C VAL A 8 -35.26 9.09 3.76
N GLY A 9 -36.01 8.12 3.26
CA GLY A 9 -35.43 7.03 2.50
C GLY A 9 -35.51 5.70 3.23
N ALA A 10 -36.08 4.68 2.58
CA ALA A 10 -36.27 3.38 3.20
C ALA A 10 -35.43 2.30 2.54
N GLY A 11 -34.16 2.61 2.26
CA GLY A 11 -33.14 1.58 2.15
C GLY A 11 -32.65 1.13 3.53
N PRO A 12 -31.61 0.27 3.53
CA PRO A 12 -31.06 -0.21 4.83
C PRO A 12 -30.82 0.90 5.82
N ALA A 13 -30.19 1.99 5.36
CA ALA A 13 -29.79 3.06 6.23
C ALA A 13 -30.99 3.63 6.98
N GLY A 14 -31.96 4.15 6.24
CA GLY A 14 -33.10 4.80 6.88
C GLY A 14 -34.00 3.83 7.62
N LEU A 15 -34.17 2.63 7.07
CA LEU A 15 -34.98 1.62 7.74
C LEU A 15 -34.37 1.27 9.09
N MET A 16 -33.10 0.86 9.04
CA MET A 16 -32.37 0.46 10.23
C MET A 16 -32.38 1.55 11.29
N LEU A 17 -32.31 2.81 10.88
CA LEU A 17 -32.31 3.90 11.85
C LEU A 17 -33.68 4.08 12.47
N ALA A 18 -34.72 4.06 11.64
CA ALA A 18 -36.07 4.18 12.17
C ALA A 18 -36.32 3.11 13.21
N CYS A 19 -35.76 1.92 13.00
CA CYS A 19 -35.83 0.90 14.05
C CYS A 19 -35.03 1.32 15.28
N GLU A 20 -33.79 1.81 15.09
CA GLU A 20 -33.01 2.28 16.24
C GLU A 20 -33.74 3.41 16.98
N LEU A 21 -34.55 4.21 16.27
CA LEU A 21 -35.25 5.30 16.94
C LEU A 21 -36.52 4.81 17.62
N ALA A 22 -37.21 3.84 17.01
CA ALA A 22 -38.51 3.41 17.48
C ALA A 22 -38.40 2.39 18.60
N MET A 23 -37.37 1.54 18.57
CA MET A 23 -37.17 0.63 19.69
C MET A 23 -36.93 1.39 20.99
N ARG A 24 -36.54 2.67 20.91
CA ARG A 24 -36.35 3.52 22.08
C ARG A 24 -37.49 4.52 22.25
N ASP A 25 -38.67 4.23 21.70
CA ASP A 25 -39.87 5.04 21.92
C ASP A 25 -39.67 6.50 21.49
N VAL A 26 -38.81 6.74 20.51
CA VAL A 26 -38.69 8.05 19.86
C VAL A 26 -39.63 8.04 18.66
N PRO A 27 -40.57 8.99 18.56
CA PRO A 27 -41.52 8.97 17.43
C PRO A 27 -40.78 9.22 16.13
N ALA A 28 -40.84 8.26 15.21
CA ALA A 28 -40.13 8.39 13.94
C ALA A 28 -41.08 8.26 12.76
N VAL A 29 -40.87 9.10 11.76
CA VAL A 29 -41.63 8.99 10.53
C VAL A 29 -40.64 8.83 9.39
N LEU A 30 -40.74 7.72 8.68
CA LEU A 30 -39.81 7.30 7.67
C LEU A 30 -40.52 7.46 6.34
N VAL A 31 -39.89 8.18 5.42
CA VAL A 31 -40.49 8.57 4.15
C VAL A 31 -39.69 7.92 3.04
N ASP A 32 -40.40 7.26 2.11
CA ASP A 32 -39.80 6.81 0.87
C ASP A 32 -40.83 7.02 -0.23
N ILE A 33 -40.37 7.13 -1.47
CA ILE A 33 -41.31 7.39 -2.55
C ILE A 33 -41.82 6.14 -3.26
N HIS A 34 -41.12 5.00 -3.13
CA HIS A 34 -41.62 3.79 -3.76
C HIS A 34 -43.04 3.48 -3.27
N PRO A 35 -43.88 2.80 -4.11
CA PRO A 35 -45.25 2.47 -3.66
C PRO A 35 -45.27 1.28 -2.71
N THR A 36 -44.40 0.31 -2.93
CA THR A 36 -44.16 -0.80 -2.02
C THR A 36 -42.65 -0.96 -1.88
N GLN A 37 -42.23 -1.91 -1.03
CA GLN A 37 -40.82 -2.23 -0.91
C GLN A 37 -40.22 -2.48 -2.29
N ARG A 38 -39.05 -1.91 -2.54
CA ARG A 38 -38.52 -1.97 -3.89
C ARG A 38 -38.07 -3.39 -4.23
N ALA A 39 -37.87 -3.59 -5.52
CA ALA A 39 -37.32 -4.83 -6.06
C ALA A 39 -35.91 -4.62 -6.56
N GLU A 40 -35.50 -3.37 -6.79
CA GLU A 40 -34.16 -3.03 -7.24
C GLU A 40 -33.18 -3.01 -6.05
N ALA A 41 -33.02 -4.18 -5.43
CA ALA A 41 -32.12 -4.37 -4.29
C ALA A 41 -31.09 -5.41 -4.70
N PRO A 42 -29.99 -4.98 -5.31
CA PRO A 42 -29.08 -5.96 -5.95
C PRO A 42 -28.22 -6.78 -5.00
N ALA A 43 -27.89 -6.26 -3.81
CA ALA A 43 -26.86 -6.89 -2.97
C ALA A 43 -27.20 -8.34 -2.66
N MET A 44 -26.19 -9.21 -2.79
CA MET A 44 -26.35 -10.62 -2.51
C MET A 44 -25.62 -11.06 -1.24
N ALA A 45 -24.99 -10.15 -0.52
CA ALA A 45 -24.04 -10.54 0.52
C ALA A 45 -24.17 -9.60 1.71
N ILE A 46 -23.77 -10.13 2.86
CA ILE A 46 -23.76 -9.43 4.12
C ILE A 46 -22.47 -9.87 4.80
N ASN A 47 -21.62 -8.91 5.17
CA ASN A 47 -20.34 -9.27 5.75
C ASN A 47 -20.42 -9.43 7.28
N ALA A 48 -19.29 -9.79 7.90
CA ALA A 48 -19.30 -10.15 9.32
C ALA A 48 -19.66 -8.96 10.22
N GLY A 49 -19.19 -7.76 9.88
CA GLY A 49 -19.53 -6.61 10.71
C GLY A 49 -21.00 -6.25 10.65
N THR A 50 -21.61 -6.40 9.46
CA THR A 50 -23.04 -6.15 9.31
C THR A 50 -23.84 -7.20 10.04
N LEU A 51 -23.39 -8.46 9.99
CA LEU A 51 -24.06 -9.50 10.77
C LEU A 51 -24.06 -9.18 12.27
N GLU A 52 -22.91 -8.78 12.85
CA GLU A 52 -22.89 -8.49 14.30
C GLU A 52 -23.87 -7.37 14.66
N MET A 53 -23.89 -6.29 13.87
CA MET A 53 -24.82 -5.19 14.14
C MET A 53 -26.27 -5.62 14.03
N LEU A 54 -26.58 -6.55 13.13
CA LEU A 54 -27.95 -7.04 13.04
C LEU A 54 -28.24 -8.04 14.16
N ASP A 55 -27.21 -8.77 14.60
CA ASP A 55 -27.38 -9.70 15.72
C ASP A 55 -27.77 -8.95 17.00
N GLN A 56 -27.22 -7.77 17.19
CA GLN A 56 -27.56 -6.93 18.33
C GLN A 56 -29.05 -6.61 18.42
N ARG A 57 -29.83 -6.90 17.38
CA ARG A 57 -31.25 -6.59 17.42
C ARG A 57 -32.09 -7.80 17.02
N GLY A 58 -31.51 -9.00 17.10
CA GLY A 58 -32.24 -10.20 16.78
C GLY A 58 -32.62 -10.36 15.32
N LEU A 59 -32.04 -9.57 14.43
CA LEU A 59 -32.40 -9.58 13.02
C LEU A 59 -31.53 -10.50 12.18
N ALA A 60 -30.50 -11.11 12.74
CA ALA A 60 -29.56 -11.87 11.92
C ALA A 60 -30.00 -13.34 11.78
N ALA A 61 -30.15 -14.04 12.91
CA ALA A 61 -30.69 -15.38 12.84
C ALA A 61 -31.99 -15.34 12.05
N GLY A 62 -32.11 -16.28 11.13
CA GLY A 62 -33.30 -16.33 10.30
C GLY A 62 -32.93 -15.92 8.90
N LEU A 63 -32.24 -14.79 8.81
CA LEU A 63 -31.53 -14.47 7.58
C LEU A 63 -30.38 -15.44 7.33
N ARG A 64 -29.81 -16.05 8.39
CA ARG A 64 -28.64 -16.89 8.20
C ARG A 64 -29.00 -18.29 7.71
N GLU A 65 -30.06 -18.89 8.26
CA GLU A 65 -30.35 -20.29 7.95
C GLU A 65 -30.60 -20.48 6.46
N GLY A 66 -30.02 -21.55 5.92
CA GLY A 66 -30.21 -21.93 4.54
C GLY A 66 -29.34 -21.23 3.53
N THR A 67 -28.68 -20.13 3.92
CA THR A 67 -27.88 -19.34 3.00
C THR A 67 -26.42 -19.79 3.05
N VAL A 68 -25.74 -19.68 1.91
CA VAL A 68 -24.38 -20.20 1.78
C VAL A 68 -23.39 -19.23 2.43
N THR A 69 -22.27 -19.76 2.87
CA THR A 69 -21.15 -18.92 3.30
C THR A 69 -19.97 -19.19 2.39
N PHE A 70 -19.16 -18.16 2.17
CA PHE A 70 -17.85 -18.48 1.64
C PHE A 70 -16.83 -17.75 2.47
N PRO A 71 -15.71 -18.40 2.80
CA PRO A 71 -14.91 -17.97 3.94
C PRO A 71 -13.62 -17.30 3.53
N GLU A 72 -13.64 -16.69 2.36
CA GLU A 72 -12.50 -15.93 1.88
C GLU A 72 -12.87 -14.45 1.76
N VAL A 73 -12.05 -13.61 2.36
CA VAL A 73 -12.18 -12.17 2.32
C VAL A 73 -11.13 -11.68 1.33
N ARG A 74 -11.57 -11.04 0.25
CA ARG A 74 -10.67 -10.66 -0.82
C ARG A 74 -10.37 -9.17 -0.78
N PHE A 75 -9.23 -8.78 -1.33
CA PHE A 75 -8.89 -7.38 -1.59
C PHE A 75 -8.66 -7.28 -3.08
N ALA A 76 -9.51 -6.53 -3.77
CA ALA A 76 -9.65 -6.77 -5.20
C ALA A 76 -9.84 -8.27 -5.38
N ASP A 77 -8.85 -8.93 -5.99
CA ASP A 77 -8.92 -10.37 -6.22
C ASP A 77 -7.82 -11.12 -5.47
N LEU A 78 -7.16 -10.47 -4.52
CA LEU A 78 -6.18 -11.12 -3.65
C LEU A 78 -6.85 -11.63 -2.38
N ARG A 79 -6.19 -12.56 -1.71
CA ARG A 79 -6.66 -13.12 -0.47
C ARG A 79 -6.20 -12.29 0.71
N LEU A 80 -7.07 -12.11 1.70
CA LEU A 80 -6.70 -11.48 2.97
C LEU A 80 -6.73 -12.52 4.09
N ALA A 81 -5.63 -12.60 4.86
CA ALA A 81 -5.50 -13.51 5.99
C ALA A 81 -6.50 -13.11 7.09
N PHE A 82 -7.76 -13.48 6.89
CA PHE A 82 -8.78 -13.09 7.85
C PHE A 82 -8.64 -13.84 9.17
N GLU A 83 -8.00 -15.02 9.16
CA GLU A 83 -7.76 -15.80 10.37
C GLU A 83 -6.89 -15.05 11.38
N LYS A 84 -6.24 -13.97 10.98
CA LYS A 84 -5.43 -13.16 11.89
C LYS A 84 -6.24 -12.10 12.62
N VAL A 85 -7.52 -11.94 12.30
CA VAL A 85 -8.36 -10.96 12.97
C VAL A 85 -8.75 -11.51 14.33
N GLN A 86 -8.82 -10.63 15.33
CA GLN A 86 -9.02 -11.03 16.71
C GLN A 86 -10.33 -11.80 16.89
N GLY A 87 -10.30 -12.81 17.76
CA GLY A 87 -11.49 -13.44 18.29
C GLY A 87 -12.17 -14.33 17.28
N PRO A 88 -13.24 -15.02 17.68
CA PRO A 88 -14.10 -15.68 16.68
C PRO A 88 -15.02 -14.67 15.99
N ARG A 89 -15.15 -14.83 14.66
CA ARG A 89 -16.15 -14.10 13.89
C ARG A 89 -16.78 -14.97 12.79
N GLU A 90 -17.45 -14.33 11.85
CA GLU A 90 -18.33 -15.02 10.93
C GLU A 90 -17.81 -14.94 9.50
N PRO A 91 -18.07 -15.97 8.70
CA PRO A 91 -17.97 -15.81 7.25
C PRO A 91 -19.04 -14.85 6.74
N THR A 92 -18.75 -14.22 5.61
CA THR A 92 -19.81 -13.53 4.87
C THR A 92 -20.92 -14.51 4.50
N HIS A 93 -22.16 -14.13 4.78
CA HIS A 93 -23.32 -14.93 4.41
C HIS A 93 -24.02 -14.34 3.19
N MET A 94 -24.56 -15.21 2.34
CA MET A 94 -25.15 -14.80 1.08
C MET A 94 -26.64 -14.51 1.31
N VAL A 95 -26.91 -13.32 1.82
CA VAL A 95 -28.25 -12.87 2.13
C VAL A 95 -28.64 -11.85 1.08
N LEU A 96 -29.87 -11.92 0.62
CA LEU A 96 -30.31 -11.07 -0.46
C LEU A 96 -30.85 -9.78 0.12
N GLN A 97 -30.37 -8.66 -0.42
CA GLN A 97 -30.78 -7.34 0.04
C GLN A 97 -32.28 -7.23 0.27
N SER A 98 -33.11 -7.73 -0.66
CA SER A 98 -34.53 -7.56 -0.45
C SER A 98 -35.02 -8.36 0.75
N ARG A 99 -34.38 -9.51 1.03
CA ARG A 99 -34.74 -10.28 2.23
C ARG A 99 -34.38 -9.51 3.49
N LEU A 100 -33.23 -8.82 3.48
CA LEU A 100 -32.87 -7.97 4.62
C LEU A 100 -33.84 -6.81 4.79
N GLU A 101 -34.18 -6.12 3.69
CA GLU A 101 -35.06 -4.98 3.78
C GLU A 101 -36.43 -5.40 4.27
N LYS A 102 -36.87 -6.59 3.87
CA LYS A 102 -38.16 -7.08 4.33
C LYS A 102 -38.17 -7.24 5.84
N VAL A 103 -37.12 -7.84 6.43
CA VAL A 103 -37.20 -8.00 7.89
C VAL A 103 -37.11 -6.65 8.58
N LEU A 104 -36.43 -5.66 7.98
CA LEU A 104 -36.39 -4.37 8.66
C LEU A 104 -37.68 -3.57 8.47
N ILE A 105 -38.34 -3.68 7.31
CA ILE A 105 -39.68 -3.12 7.19
C ILE A 105 -40.62 -3.76 8.21
N ASP A 106 -40.51 -5.07 8.37
CA ASP A 106 -41.33 -5.75 9.38
C ASP A 106 -41.05 -5.21 10.77
N ARG A 107 -39.77 -5.20 11.17
CA ARG A 107 -39.43 -4.73 12.51
C ARG A 107 -39.85 -3.27 12.71
N ALA A 108 -39.76 -2.47 11.65
CA ALA A 108 -40.15 -1.07 11.76
C ALA A 108 -41.64 -0.94 12.06
N VAL A 109 -42.49 -1.69 11.34
CA VAL A 109 -43.91 -1.44 11.50
C VAL A 109 -44.36 -1.91 12.87
N GLU A 110 -43.77 -2.99 13.40
CA GLU A 110 -44.19 -3.44 14.73
C GLU A 110 -43.68 -2.53 15.85
N LEU A 111 -42.49 -1.93 15.67
CA LEU A 111 -42.05 -0.96 16.68
C LEU A 111 -42.73 0.39 16.52
N GLY A 112 -43.64 0.53 15.55
CA GLY A 112 -44.46 1.72 15.50
C GLY A 112 -43.92 2.88 14.71
N VAL A 113 -42.91 2.66 13.87
CA VAL A 113 -42.54 3.69 12.92
C VAL A 113 -43.74 4.00 12.03
N ASP A 114 -44.03 5.27 11.84
CA ASP A 114 -44.99 5.66 10.81
C ASP A 114 -44.24 5.61 9.48
N LEU A 115 -44.40 4.50 8.75
CA LEU A 115 -43.73 4.30 7.47
C LEU A 115 -44.66 4.74 6.33
N ARG A 116 -44.13 5.56 5.40
CA ARG A 116 -44.92 6.19 4.32
C ARG A 116 -44.30 5.94 2.95
N TRP A 117 -44.74 4.88 2.28
CA TRP A 117 -44.46 4.77 0.87
C TRP A 117 -45.12 5.92 0.08
N ALA A 118 -44.63 6.14 -1.14
CA ALA A 118 -45.21 7.13 -2.07
C ALA A 118 -45.28 8.53 -1.46
N THR A 119 -44.27 8.88 -0.67
CA THR A 119 -44.20 10.21 -0.06
C THR A 119 -42.82 10.80 -0.32
N ARG A 120 -42.78 12.02 -0.85
CA ARG A 120 -41.51 12.67 -1.19
C ARG A 120 -41.26 13.85 -0.29
N LEU A 121 -40.02 13.98 0.15
CA LEU A 121 -39.57 15.18 0.83
C LEU A 121 -39.07 16.17 -0.21
N THR A 122 -39.73 17.33 -0.29
CA THR A 122 -39.34 18.35 -1.25
C THR A 122 -38.45 19.43 -0.67
N GLY A 123 -38.45 19.60 0.65
CA GLY A 123 -37.54 20.56 1.26
C GLY A 123 -37.74 20.63 2.76
N PHE A 124 -37.00 21.57 3.37
CA PHE A 124 -36.99 21.76 4.80
C PHE A 124 -36.31 23.08 5.12
N GLU A 125 -36.64 23.65 6.27
CA GLU A 125 -35.90 24.81 6.75
C GLU A 125 -35.61 24.71 8.24
N GLU A 126 -34.39 25.08 8.62
CA GLU A 126 -34.04 25.20 10.02
C GLU A 126 -34.62 26.49 10.58
N ALA A 127 -35.34 26.39 11.70
CA ALA A 127 -35.87 27.56 12.39
C ALA A 127 -34.73 28.50 12.80
N ALA A 128 -35.03 29.80 12.80
CA ALA A 128 -34.02 30.81 13.11
C ALA A 128 -33.44 30.60 14.50
N ASP A 129 -34.30 30.35 15.49
CA ASP A 129 -33.82 30.02 16.83
C ASP A 129 -33.04 28.70 16.82
N GLY A 130 -33.47 27.75 15.99
CA GLY A 130 -32.85 26.44 15.93
C GLY A 130 -33.58 25.37 16.70
N SER A 131 -34.75 25.68 17.25
CA SER A 131 -35.50 24.78 18.12
C SER A 131 -36.09 23.58 17.38
N GLY A 132 -36.03 23.57 16.05
CA GLY A 132 -36.65 22.49 15.29
C GLY A 132 -36.40 22.71 13.82
N VAL A 133 -36.81 21.72 13.03
CA VAL A 133 -36.82 21.82 11.58
C VAL A 133 -38.25 21.65 11.12
N THR A 134 -38.67 22.48 10.17
CA THR A 134 -39.93 22.30 9.47
C THR A 134 -39.62 21.68 8.11
N VAL A 135 -40.41 20.68 7.75
CA VAL A 135 -40.15 19.87 6.58
C VAL A 135 -41.39 19.92 5.68
N THR A 136 -41.22 19.57 4.41
CA THR A 136 -42.37 19.51 3.51
C THR A 136 -42.36 18.19 2.77
N LEU A 137 -43.52 17.52 2.75
CA LEU A 137 -43.70 16.20 2.16
C LEU A 137 -44.77 16.29 1.08
N ALA A 138 -44.52 15.62 -0.06
CA ALA A 138 -45.35 15.75 -1.27
C ALA A 138 -45.97 14.40 -1.64
N SER A 139 -47.14 14.12 -1.09
CA SER A 139 -47.96 12.98 -1.49
C SER A 139 -48.88 13.38 -2.65
N ASP A 140 -49.64 12.41 -3.15
CA ASP A 140 -50.66 12.71 -4.15
C ASP A 140 -51.69 13.68 -3.60
N ALA A 141 -52.08 13.50 -2.35
CA ALA A 141 -53.12 14.32 -1.73
C ALA A 141 -52.77 15.80 -1.77
N GLY A 142 -51.53 16.13 -1.42
CA GLY A 142 -51.07 17.50 -1.44
C GLY A 142 -49.65 17.67 -0.93
N GLU A 143 -49.47 18.60 0.02
CA GLU A 143 -48.16 18.88 0.61
C GLU A 143 -48.36 19.11 2.10
N GLU A 144 -47.95 18.13 2.91
CA GLU A 144 -47.85 18.38 4.34
C GLU A 144 -46.58 19.12 4.64
N GLN A 145 -46.68 20.12 5.50
CA GLN A 145 -45.55 20.90 5.97
C GLN A 145 -45.32 20.48 7.43
N LEU A 146 -44.48 19.45 7.63
CA LEU A 146 -44.33 18.83 8.96
C LEU A 146 -43.24 19.50 9.80
N ARG A 147 -43.58 19.78 11.05
CA ARG A 147 -42.69 20.33 12.06
C ARG A 147 -42.08 19.15 12.82
N CYS A 148 -40.75 19.03 12.80
CA CYS A 148 -40.07 17.88 13.39
C CYS A 148 -38.84 18.32 14.20
N ARG A 149 -38.22 17.34 14.85
CA ARG A 149 -37.16 17.55 15.84
C ARG A 149 -35.78 17.41 15.24
N TYR A 150 -35.54 16.32 14.51
CA TYR A 150 -34.32 16.15 13.75
C TYR A 150 -34.72 15.65 12.37
N LEU A 151 -33.91 15.99 11.38
CA LEU A 151 -34.09 15.52 10.01
C LEU A 151 -32.86 14.72 9.62
N VAL A 152 -33.05 13.45 9.30
CA VAL A 152 -31.95 12.59 8.84
C VAL A 152 -32.22 12.22 7.39
N GLY A 153 -31.33 12.64 6.51
CA GLY A 153 -31.41 12.22 5.13
C GLY A 153 -30.70 10.91 4.91
N CYS A 154 -31.46 9.83 4.77
CA CYS A 154 -30.95 8.57 4.26
C CYS A 154 -31.46 8.34 2.82
N ASP A 155 -31.50 9.39 2.02
CA ASP A 155 -32.18 9.33 0.73
C ASP A 155 -31.24 9.03 -0.43
N GLY A 156 -30.09 8.41 -0.18
CA GLY A 156 -29.29 7.84 -1.25
C GLY A 156 -28.28 8.81 -1.82
N ARG A 157 -27.58 8.32 -2.85
CA ARG A 157 -26.51 9.11 -3.44
C ARG A 157 -26.98 10.50 -3.87
N GLU A 158 -28.17 10.62 -4.45
CA GLU A 158 -28.61 11.95 -4.89
C GLU A 158 -29.51 12.60 -3.85
N SER A 159 -28.96 12.70 -2.64
CA SER A 159 -29.73 13.12 -1.48
C SER A 159 -30.16 14.57 -1.61
N ILE A 160 -31.48 14.80 -1.67
CA ILE A 160 -31.99 16.16 -1.57
C ILE A 160 -31.58 16.76 -0.22
N VAL A 161 -31.64 15.98 0.85
CA VAL A 161 -31.33 16.51 2.17
C VAL A 161 -29.91 17.06 2.21
N ARG A 162 -28.96 16.28 1.70
CA ARG A 162 -27.60 16.77 1.71
C ARG A 162 -27.47 18.07 0.92
N LYS A 163 -27.96 18.07 -0.31
CA LYS A 163 -27.74 19.22 -1.19
C LYS A 163 -28.37 20.49 -0.62
N GLN A 164 -29.62 20.40 -0.18
CA GLN A 164 -30.29 21.58 0.36
C GLN A 164 -29.64 22.09 1.65
N ALA A 165 -29.10 21.19 2.49
CA ALA A 165 -28.31 21.61 3.64
C ALA A 165 -26.96 22.17 3.24
N GLY A 166 -26.62 22.11 1.95
CA GLY A 166 -25.36 22.70 1.50
C GLY A 166 -24.09 22.08 2.03
N ILE A 167 -24.03 20.76 2.17
CA ILE A 167 -22.79 20.09 2.55
C ILE A 167 -22.10 19.56 1.30
N ASP A 168 -20.83 19.88 1.16
CA ASP A 168 -20.10 19.51 -0.04
C ASP A 168 -19.80 18.01 -0.04
N TYR A 169 -19.84 17.41 -1.24
CA TYR A 169 -19.75 15.95 -1.45
C TYR A 169 -18.40 15.66 -2.10
N VAL A 170 -17.43 15.29 -1.28
CA VAL A 170 -16.02 15.35 -1.65
C VAL A 170 -15.58 14.03 -2.27
N GLY A 171 -14.89 14.10 -3.41
CA GLY A 171 -14.24 12.92 -3.96
C GLY A 171 -13.83 13.10 -5.41
N ASP A 172 -13.26 12.03 -5.96
CA ASP A 172 -12.76 12.03 -7.33
C ASP A 172 -12.59 10.60 -7.82
N ASP A 173 -12.51 10.44 -9.14
CA ASP A 173 -12.26 9.14 -9.74
C ASP A 173 -11.38 9.32 -10.96
N TRP A 174 -10.42 8.41 -11.14
CA TRP A 174 -9.63 8.38 -12.36
C TRP A 174 -10.25 7.52 -13.46
N VAL A 175 -11.31 6.80 -13.14
CA VAL A 175 -12.06 6.07 -14.13
C VAL A 175 -13.51 6.04 -13.66
N ILE A 176 -14.42 6.00 -14.63
CA ILE A 176 -15.85 5.91 -14.34
C ILE A 176 -16.30 4.47 -14.61
N VAL A 177 -16.66 3.75 -13.56
CA VAL A 177 -17.14 2.37 -13.70
C VAL A 177 -18.62 2.38 -14.05
N ARG A 178 -18.99 1.59 -15.05
CA ARG A 178 -20.35 1.53 -15.58
C ARG A 178 -20.77 0.08 -15.74
N GLY A 179 -22.06 -0.16 -15.60
CA GLY A 179 -22.57 -1.47 -15.94
C GLY A 179 -24.08 -1.50 -15.89
N ILE A 180 -24.62 -2.70 -15.84
CA ILE A 180 -26.02 -2.88 -15.50
C ILE A 180 -26.11 -4.03 -14.52
N VAL A 181 -27.26 -4.11 -13.87
CA VAL A 181 -27.52 -5.06 -12.80
C VAL A 181 -29.02 -5.30 -12.77
N GLY A 182 -29.42 -6.41 -12.16
CA GLY A 182 -30.82 -6.75 -12.00
C GLY A 182 -30.99 -8.24 -12.16
N ASP A 183 -32.26 -8.66 -12.31
CA ASP A 183 -32.63 -10.07 -12.43
C ASP A 183 -33.33 -10.32 -13.76
N VAL A 184 -32.72 -11.13 -14.60
CA VAL A 184 -33.37 -11.67 -15.79
C VAL A 184 -34.08 -12.96 -15.41
N ALA A 185 -35.20 -13.24 -16.07
CA ALA A 185 -35.67 -14.61 -16.13
C ALA A 185 -35.02 -15.30 -17.32
N ILE A 186 -34.67 -16.55 -17.11
CA ILE A 186 -33.78 -17.26 -18.01
C ILE A 186 -33.68 -18.66 -17.44
N ASN A 187 -33.73 -19.67 -18.31
CA ASN A 187 -33.51 -21.04 -17.91
C ASN A 187 -32.25 -21.09 -17.04
N ARG A 188 -32.02 -22.17 -16.30
CA ARG A 188 -30.75 -22.30 -15.58
C ARG A 188 -29.89 -23.41 -16.16
N GLU A 189 -30.37 -24.65 -16.09
CA GLU A 189 -29.61 -25.82 -16.55
C GLU A 189 -29.08 -25.60 -17.95
N ASP A 190 -27.78 -25.33 -18.04
CA ASP A 190 -27.01 -25.30 -19.28
C ASP A 190 -27.36 -24.12 -20.18
N VAL A 191 -27.91 -23.05 -19.62
CA VAL A 191 -28.06 -21.77 -20.31
C VAL A 191 -27.34 -20.78 -19.42
N ALA A 192 -26.40 -21.30 -18.67
CA ALA A 192 -25.40 -20.57 -17.93
C ALA A 192 -24.11 -21.38 -18.06
N PRO A 193 -23.17 -20.90 -18.85
CA PRO A 193 -21.92 -21.65 -19.08
C PRO A 193 -20.73 -21.05 -18.37
N GLU A 194 -19.90 -20.39 -19.17
CA GLU A 194 -18.98 -19.37 -18.67
C GLU A 194 -19.66 -18.44 -17.69
N GLN A 195 -20.88 -17.99 -18.04
CA GLN A 195 -21.56 -16.88 -17.37
C GLN A 195 -21.99 -17.26 -15.96
N TYR A 196 -21.41 -18.32 -15.42
CA TYR A 196 -21.65 -18.74 -14.05
C TYR A 196 -20.47 -18.30 -13.21
N GLY A 197 -20.77 -17.66 -12.08
CA GLY A 197 -19.72 -17.12 -11.25
C GLY A 197 -19.10 -15.91 -11.89
N LEU A 198 -18.30 -15.19 -11.11
CA LEU A 198 -17.71 -13.95 -11.60
C LEU A 198 -16.54 -14.25 -12.53
N SER A 199 -16.45 -13.48 -13.61
CA SER A 199 -15.46 -13.71 -14.67
C SER A 199 -14.69 -12.41 -14.89
N TYR A 200 -13.71 -12.16 -14.02
CA TYR A 200 -12.64 -11.21 -14.32
C TYR A 200 -12.05 -11.56 -15.68
N THR A 201 -11.92 -10.56 -16.53
CA THR A 201 -11.42 -10.72 -17.88
C THR A 201 -10.01 -10.13 -17.99
N ASP A 202 -9.48 -10.07 -19.22
CA ASP A 202 -8.13 -9.56 -19.47
C ASP A 202 -8.11 -8.04 -19.65
N ASN A 203 -9.09 -7.38 -19.06
CA ASN A 203 -9.07 -5.97 -18.73
C ASN A 203 -9.81 -5.91 -17.40
N GLY A 204 -9.83 -4.76 -16.76
CA GLY A 204 -10.50 -4.68 -15.46
C GLY A 204 -11.94 -5.17 -15.41
N ASP A 205 -12.57 -5.36 -16.56
CA ASP A 205 -14.01 -5.56 -16.64
C ASP A 205 -14.43 -6.94 -16.14
N GLN A 206 -15.48 -6.97 -15.32
CA GLN A 206 -15.97 -8.20 -14.70
C GLN A 206 -17.39 -8.48 -15.17
N PHE A 207 -17.76 -9.76 -15.13
CA PHE A 207 -19.15 -10.15 -15.27
C PHE A 207 -19.52 -11.15 -14.19
N LEU A 208 -20.59 -10.87 -13.46
CA LEU A 208 -21.11 -11.79 -12.45
C LEU A 208 -22.46 -12.32 -12.89
N GLY A 209 -22.58 -13.63 -12.96
CA GLY A 209 -23.88 -14.27 -13.15
C GLY A 209 -24.20 -15.22 -12.02
N ALA A 210 -25.25 -14.92 -11.25
CA ALA A 210 -25.60 -15.70 -10.07
C ALA A 210 -27.08 -16.02 -10.11
N PRO A 211 -27.47 -17.28 -10.08
CA PRO A 211 -28.89 -17.62 -10.14
C PRO A 211 -29.51 -17.65 -8.75
N LEU A 212 -30.80 -17.34 -8.72
CA LEU A 212 -31.55 -17.30 -7.46
C LEU A 212 -32.42 -18.54 -7.33
N SER A 213 -33.42 -18.64 -8.19
CA SER A 213 -34.19 -19.85 -8.42
C SER A 213 -33.81 -20.42 -9.78
N PRO A 214 -34.25 -21.64 -10.11
CA PRO A 214 -33.84 -22.22 -11.40
C PRO A 214 -34.35 -21.48 -12.63
N ASP A 215 -35.10 -20.38 -12.45
CA ASP A 215 -35.63 -19.61 -13.57
C ASP A 215 -35.19 -18.16 -13.58
N VAL A 216 -34.75 -17.61 -12.45
CA VAL A 216 -34.29 -16.23 -12.35
C VAL A 216 -32.81 -16.23 -12.06
N MET A 217 -32.08 -15.29 -12.66
CA MET A 217 -30.67 -15.07 -12.37
C MET A 217 -30.44 -13.59 -12.14
N ARG A 218 -29.61 -13.29 -11.13
CA ARG A 218 -29.12 -11.93 -10.93
C ARG A 218 -27.84 -11.75 -11.73
N VAL A 219 -27.70 -10.58 -12.36
CA VAL A 219 -26.63 -10.33 -13.32
C VAL A 219 -25.98 -8.99 -12.98
N PHE A 220 -24.65 -8.95 -13.02
CA PHE A 220 -23.91 -7.75 -12.70
C PHE A 220 -22.74 -7.59 -13.66
N SER A 221 -22.59 -6.39 -14.20
CA SER A 221 -21.46 -6.08 -15.06
C SER A 221 -20.78 -4.81 -14.57
N ALA A 222 -19.47 -4.75 -14.76
CA ALA A 222 -18.66 -3.63 -14.30
C ALA A 222 -17.56 -3.38 -15.32
N GLU A 223 -17.57 -2.23 -15.96
CA GLU A 223 -16.71 -1.97 -17.10
C GLU A 223 -15.91 -0.69 -16.85
N PHE A 224 -14.63 -0.73 -17.22
CA PHE A 224 -13.75 0.41 -17.00
C PHE A 224 -13.52 1.08 -18.34
N SER A 225 -13.78 2.39 -18.40
CA SER A 225 -13.44 3.15 -19.59
C SER A 225 -13.14 4.59 -19.21
N THR A 226 -12.31 5.22 -20.02
CA THR A 226 -11.94 6.63 -19.89
C THR A 226 -12.86 7.58 -20.70
N GLU A 227 -14.18 7.39 -20.74
CA GLU A 227 -15.05 8.31 -21.46
C GLU A 227 -16.49 8.03 -21.06
N PRO A 228 -17.39 9.04 -21.04
CA PRO A 228 -18.60 8.93 -20.20
C PRO A 228 -19.49 7.76 -20.57
N PRO A 229 -20.33 7.31 -19.63
CA PRO A 229 -21.22 6.17 -19.88
C PRO A 229 -22.19 6.47 -21.01
N GLU A 230 -22.35 5.50 -21.89
CA GLU A 230 -23.30 5.63 -23.00
C GLU A 230 -24.70 6.02 -22.51
N PHE A 231 -25.15 5.42 -21.41
CA PHE A 231 -26.52 5.59 -20.92
C PHE A 231 -26.55 6.29 -19.57
N GLU A 232 -27.57 7.11 -19.38
CA GLU A 232 -27.82 7.68 -18.07
C GLU A 232 -28.28 6.58 -17.12
N ASP A 233 -27.86 6.68 -15.86
CA ASP A 233 -28.26 5.72 -14.86
C ASP A 233 -29.77 5.62 -14.80
N GLY A 234 -30.28 4.39 -14.87
CA GLY A 234 -31.72 4.18 -14.94
C GLY A 234 -32.12 2.89 -15.62
N PRO A 235 -33.35 2.85 -16.14
CA PRO A 235 -34.05 1.55 -16.29
C PRO A 235 -33.44 0.57 -17.30
N ALA A 236 -32.87 1.02 -18.42
CA ALA A 236 -32.11 0.09 -19.25
C ALA A 236 -32.98 -1.00 -19.88
N THR A 237 -32.47 -1.67 -20.90
CA THR A 237 -33.21 -2.72 -21.58
C THR A 237 -32.40 -4.01 -21.55
N LEU A 238 -33.11 -5.13 -21.75
CA LEU A 238 -32.43 -6.41 -21.73
C LEU A 238 -31.60 -6.63 -22.99
N GLU A 239 -32.09 -6.16 -24.13
CA GLU A 239 -31.23 -6.18 -25.32
C GLU A 239 -29.92 -5.46 -25.02
N GLN A 240 -29.97 -4.36 -24.27
CA GLN A 240 -28.74 -3.66 -23.88
C GLN A 240 -27.84 -4.56 -23.04
N LEU A 241 -28.44 -5.45 -22.24
CA LEU A 241 -27.67 -6.43 -21.46
C LEU A 241 -27.13 -7.54 -22.35
N GLY A 242 -27.97 -8.07 -23.24
CA GLY A 242 -27.47 -9.05 -24.20
C GLY A 242 -26.19 -8.59 -24.86
N ASP A 243 -26.16 -7.34 -25.30
CA ASP A 243 -24.96 -6.79 -25.90
C ASP A 243 -23.80 -6.82 -24.92
N ALA A 244 -24.02 -6.32 -23.72
CA ALA A 244 -22.93 -6.20 -22.75
C ALA A 244 -22.40 -7.57 -22.35
N VAL A 245 -23.28 -8.57 -22.22
CA VAL A 245 -22.83 -9.90 -21.84
C VAL A 245 -21.97 -10.52 -22.93
N LYS A 246 -22.42 -10.43 -24.18
CA LYS A 246 -21.63 -10.97 -25.28
C LYS A 246 -20.18 -10.48 -25.21
N ARG A 247 -19.96 -9.16 -25.09
CA ARG A 247 -18.58 -8.71 -25.10
C ARG A 247 -17.82 -9.15 -23.86
N LEU A 248 -18.50 -9.34 -22.73
CA LEU A 248 -17.77 -9.75 -21.53
C LEU A 248 -17.54 -11.26 -21.49
N THR A 249 -18.62 -12.04 -21.49
CA THR A 249 -18.46 -13.49 -21.40
C THR A 249 -17.95 -14.09 -22.72
N GLY A 250 -18.28 -13.48 -23.86
CA GLY A 250 -17.96 -14.04 -25.15
C GLY A 250 -19.10 -14.76 -25.84
N LYS A 251 -20.07 -15.24 -25.08
CA LYS A 251 -21.26 -15.88 -25.61
C LYS A 251 -22.46 -14.96 -25.39
N GLU A 252 -23.64 -15.40 -25.82
CA GLU A 252 -24.82 -14.61 -25.52
C GLU A 252 -25.80 -15.38 -24.66
N LEU A 253 -26.50 -14.63 -23.83
CA LEU A 253 -27.45 -15.12 -22.84
C LEU A 253 -28.78 -15.40 -23.53
N LYS A 254 -29.33 -16.61 -23.35
CA LYS A 254 -30.51 -17.05 -24.08
C LYS A 254 -31.76 -16.32 -23.56
N ALA A 255 -31.68 -15.00 -23.46
CA ALA A 255 -32.53 -14.19 -22.58
C ALA A 255 -34.03 -14.36 -22.82
N THR A 256 -34.79 -14.51 -21.73
CA THR A 256 -36.23 -14.67 -21.80
C THR A 256 -36.99 -13.37 -21.46
N GLU A 257 -36.92 -12.96 -20.20
CA GLU A 257 -37.67 -11.79 -19.72
C GLU A 257 -36.83 -11.09 -18.67
N ALA A 258 -37.06 -9.78 -18.51
CA ALA A 258 -36.33 -8.97 -17.54
C ALA A 258 -37.30 -8.46 -16.48
N HIS A 259 -37.08 -8.84 -15.22
CA HIS A 259 -37.92 -8.34 -14.14
C HIS A 259 -37.59 -6.89 -13.81
N TRP A 260 -36.29 -6.59 -13.73
CA TRP A 260 -35.78 -5.26 -13.50
C TRP A 260 -34.29 -5.30 -13.82
N LEU A 261 -33.83 -4.35 -14.63
CA LEU A 261 -32.41 -4.13 -14.83
C LEU A 261 -32.18 -2.62 -14.81
N GLN A 262 -30.93 -2.22 -14.57
CA GLN A 262 -30.63 -0.81 -14.37
C GLN A 262 -29.25 -0.47 -14.90
N HIS A 263 -29.15 0.63 -15.65
CA HIS A 263 -27.85 1.27 -15.85
C HIS A 263 -27.33 1.84 -14.52
N TYR A 264 -26.04 1.68 -14.26
CA TYR A 264 -25.41 2.33 -13.11
C TYR A 264 -24.05 2.87 -13.52
N SER A 265 -23.67 4.02 -12.94
CA SER A 265 -22.30 4.49 -13.03
C SER A 265 -21.81 4.67 -11.60
N ILE A 266 -20.50 4.66 -11.39
CA ILE A 266 -19.92 4.71 -10.04
C ILE A 266 -19.07 5.95 -9.92
N VAL A 267 -19.35 6.77 -8.92
CA VAL A 267 -18.39 7.77 -8.45
C VAL A 267 -18.10 7.49 -6.99
N THR A 268 -17.07 8.17 -6.47
CA THR A 268 -16.56 7.98 -5.12
C THR A 268 -16.65 9.31 -4.36
N ARG A 269 -17.50 9.37 -3.34
CA ARG A 269 -17.69 10.61 -2.61
C ARG A 269 -17.82 10.35 -1.12
N ASN A 270 -17.36 11.33 -0.34
CA ASN A 270 -17.57 11.34 1.10
C ASN A 270 -18.03 12.73 1.48
N ALA A 271 -19.24 12.84 2.04
CA ALA A 271 -19.72 14.11 2.55
C ALA A 271 -18.72 14.71 3.53
N GLU A 272 -18.53 16.03 3.46
CA GLU A 272 -17.59 16.71 4.34
C GLU A 272 -18.07 16.76 5.78
N GLN A 273 -19.38 16.87 5.99
CA GLN A 273 -19.98 16.98 7.32
C GLN A 273 -21.19 16.04 7.32
N TYR A 274 -21.17 14.96 8.10
CA TYR A 274 -22.36 14.13 8.14
C TYR A 274 -23.44 14.77 8.99
N ARG A 275 -23.19 15.96 9.54
CA ARG A 275 -24.17 16.64 10.39
C ARG A 275 -24.10 18.14 10.16
N LYS A 276 -25.26 18.78 10.06
CA LYS A 276 -25.33 20.23 10.07
C LYS A 276 -26.46 20.66 11.02
N GLY A 277 -26.26 20.43 12.32
CA GLY A 277 -27.17 20.87 13.36
C GLY A 277 -28.65 20.60 13.09
N ARG A 278 -29.18 19.54 13.67
CA ARG A 278 -30.56 19.08 13.47
C ARG A 278 -30.75 18.33 12.16
N VAL A 279 -29.81 18.46 11.23
CA VAL A 279 -29.85 17.70 9.97
C VAL A 279 -28.63 16.78 9.90
N PHE A 280 -28.87 15.48 9.90
CA PHE A 280 -27.82 14.48 9.69
C PHE A 280 -28.03 13.80 8.36
N ILE A 281 -27.04 13.01 7.97
CA ILE A 281 -27.16 12.19 6.76
C ILE A 281 -26.41 10.89 7.02
N ALA A 282 -26.77 9.87 6.25
CA ALA A 282 -26.28 8.53 6.55
C ALA A 282 -26.40 7.67 5.29
N GLY A 283 -25.67 6.56 5.30
CA GLY A 283 -25.66 5.66 4.17
C GLY A 283 -25.13 6.32 2.90
N ASP A 284 -25.83 6.08 1.78
CA ASP A 284 -25.35 6.53 0.49
C ASP A 284 -25.35 8.05 0.37
N ALA A 285 -26.31 8.71 1.01
CA ALA A 285 -26.26 10.17 1.12
C ALA A 285 -24.96 10.67 1.77
N ALA A 286 -24.31 9.87 2.60
CA ALA A 286 -23.05 10.33 3.20
C ALA A 286 -21.83 9.86 2.43
N HIS A 287 -21.91 8.73 1.72
CA HIS A 287 -20.70 8.17 1.12
C HIS A 287 -21.09 7.05 0.17
N VAL A 288 -20.38 6.99 -0.97
CA VAL A 288 -20.64 6.02 -2.03
C VAL A 288 -19.32 5.69 -2.71
N HIS A 289 -19.27 4.53 -3.36
CA HIS A 289 -18.03 3.97 -3.89
C HIS A 289 -18.42 2.69 -4.60
N TYR A 290 -17.44 2.07 -5.27
CA TYR A 290 -17.70 0.81 -5.94
C TYR A 290 -18.09 -0.25 -4.90
N PRO A 291 -19.06 -1.11 -5.24
CA PRO A 291 -19.54 -2.12 -4.28
C PRO A 291 -18.58 -3.30 -4.14
N TYR A 292 -17.86 -3.33 -3.04
CA TYR A 292 -16.92 -4.39 -2.71
C TYR A 292 -17.14 -4.83 -1.28
N ASN A 293 -16.97 -6.14 -1.02
CA ASN A 293 -16.95 -6.76 0.31
C ASN A 293 -18.21 -6.48 1.11
N GLY A 294 -19.21 -5.87 0.51
CA GLY A 294 -20.41 -5.49 1.24
C GLY A 294 -20.25 -4.22 2.05
N GLN A 295 -19.28 -3.37 1.68
CA GLN A 295 -19.00 -2.22 2.52
C GLN A 295 -20.10 -1.18 2.46
N GLY A 296 -20.74 -0.99 1.29
CA GLY A 296 -21.84 -0.03 1.21
C GLY A 296 -22.94 -0.35 2.21
N LEU A 297 -23.27 -1.64 2.32
CA LEU A 297 -24.29 -2.07 3.27
C LEU A 297 -23.78 -1.98 4.71
N GLY A 298 -22.53 -2.43 4.94
CA GLY A 298 -21.97 -2.36 6.28
C GLY A 298 -21.94 -0.95 6.83
N THR A 299 -21.38 0.00 6.07
CA THR A 299 -21.34 1.38 6.52
C THR A 299 -22.74 1.94 6.68
N ALA A 300 -23.65 1.57 5.78
CA ALA A 300 -25.02 2.08 5.88
C ALA A 300 -25.66 1.67 7.20
N ILE A 301 -25.64 0.37 7.50
CA ILE A 301 -26.20 -0.09 8.76
C ILE A 301 -25.38 0.46 9.92
N GLY A 302 -24.04 0.44 9.79
CA GLY A 302 -23.16 1.05 10.78
C GLY A 302 -23.51 2.49 11.08
N ASP A 303 -23.84 3.27 10.04
CA ASP A 303 -24.21 4.67 10.24
C ASP A 303 -25.42 4.78 11.17
N ALA A 304 -26.45 3.97 10.90
CA ALA A 304 -27.69 4.10 11.65
C ALA A 304 -27.54 3.60 13.07
N VAL A 305 -26.79 2.50 13.24
CA VAL A 305 -26.60 1.99 14.59
C VAL A 305 -25.85 3.00 15.44
N ASN A 306 -24.86 3.68 14.85
CA ASN A 306 -24.17 4.76 15.55
C ASN A 306 -25.13 5.89 15.90
N LEU A 307 -25.94 6.36 14.94
CA LEU A 307 -26.70 7.59 15.17
C LEU A 307 -28.00 7.35 15.93
N GLY A 308 -28.68 6.22 15.69
CA GLY A 308 -29.79 5.90 16.55
C GLY A 308 -29.28 5.38 17.88
N TRP A 309 -29.64 6.13 18.93
CA TRP A 309 -29.28 5.98 20.35
C TRP A 309 -28.71 7.33 20.78
N LYS A 310 -27.79 7.89 20.00
CA LYS A 310 -27.37 9.26 20.27
C LYS A 310 -28.54 10.24 20.13
N ILE A 311 -29.26 10.19 19.00
CA ILE A 311 -30.47 11.00 18.88
C ILE A 311 -31.45 10.64 20.00
N ALA A 312 -31.65 9.34 20.23
CA ALA A 312 -32.61 8.96 21.27
C ALA A 312 -32.20 9.52 22.62
N ALA A 313 -30.90 9.45 22.94
CA ALA A 313 -30.42 10.05 24.18
C ALA A 313 -30.71 11.54 24.24
N GLU A 314 -30.50 12.25 23.14
CA GLU A 314 -30.79 13.68 23.17
C GLU A 314 -32.27 13.93 23.38
N VAL A 315 -33.12 13.18 22.68
CA VAL A 315 -34.56 13.28 22.92
C VAL A 315 -34.84 13.06 24.40
N HIS A 316 -34.28 11.99 24.96
CA HIS A 316 -34.62 11.70 26.35
C HIS A 316 -33.92 12.65 27.32
N GLY A 317 -33.04 13.53 26.85
CA GLY A 317 -32.50 14.57 27.68
C GLY A 317 -31.28 14.20 28.51
N TRP A 318 -30.78 12.98 28.37
CA TRP A 318 -29.62 12.58 29.15
C TRP A 318 -28.35 12.54 28.33
N ALA A 319 -28.42 12.78 27.03
CA ALA A 319 -27.22 12.84 26.21
C ALA A 319 -26.25 13.88 26.78
N PRO A 320 -24.96 13.56 26.90
CA PRO A 320 -23.98 14.62 27.13
C PRO A 320 -23.98 15.64 26.00
N ALA A 321 -23.38 16.79 26.26
CA ALA A 321 -23.46 17.90 25.31
C ALA A 321 -22.84 17.56 23.96
N ASP A 322 -21.75 16.79 23.96
CA ASP A 322 -20.94 16.57 22.76
C ASP A 322 -21.18 15.20 22.13
N LEU A 323 -22.32 14.56 22.43
CA LEU A 323 -22.52 13.18 21.99
C LEU A 323 -22.94 13.10 20.52
N LEU A 324 -23.86 13.95 20.07
CA LEU A 324 -24.24 13.90 18.66
C LEU A 324 -23.11 14.35 17.75
N ASP A 325 -22.15 15.13 18.27
CA ASP A 325 -21.05 15.52 17.42
C ASP A 325 -20.10 14.36 17.18
N SER A 326 -20.20 13.31 18.00
CA SER A 326 -19.38 12.12 17.78
C SER A 326 -19.92 11.28 16.65
N TYR A 327 -21.19 11.51 16.25
CA TYR A 327 -21.67 10.88 15.03
C TYR A 327 -20.73 11.20 13.87
N HIS A 328 -20.56 12.50 13.55
CA HIS A 328 -19.65 12.84 12.46
C HIS A 328 -18.24 12.29 12.70
N VAL A 329 -17.69 12.51 13.90
CA VAL A 329 -16.30 12.08 14.14
C VAL A 329 -16.15 10.60 13.85
N GLU A 330 -17.01 9.79 14.45
CA GLU A 330 -16.86 8.35 14.32
C GLU A 330 -17.16 7.90 12.92
N ARG A 331 -18.21 8.45 12.30
CA ARG A 331 -18.72 7.86 11.06
C ARG A 331 -18.10 8.46 9.82
N HIS A 332 -17.72 9.74 9.83
CA HIS A 332 -16.97 10.26 8.70
C HIS A 332 -15.68 9.48 8.50
N LEU A 333 -15.01 9.04 9.58
CA LEU A 333 -13.79 8.27 9.41
C LEU A 333 -14.09 6.97 8.70
N ALA A 334 -15.19 6.31 9.08
CA ALA A 334 -15.53 5.02 8.50
C ALA A 334 -15.88 5.17 7.01
N GLY A 335 -16.60 6.24 6.67
CA GLY A 335 -16.81 6.55 5.26
C GLY A 335 -15.52 6.84 4.53
N ARG A 336 -14.64 7.64 5.15
CA ARG A 336 -13.33 7.94 4.59
C ARG A 336 -12.60 6.66 4.18
N LEU A 337 -12.54 5.71 5.13
CA LEU A 337 -11.73 4.50 4.97
C LEU A 337 -12.38 3.53 4.00
N ALA A 338 -13.71 3.47 3.95
CA ALA A 338 -14.36 2.69 2.90
C ALA A 338 -14.04 3.26 1.52
N CYS A 339 -14.32 4.55 1.31
CA CYS A 339 -13.96 5.13 0.01
C CYS A 339 -12.50 4.85 -0.27
N MET A 340 -11.64 5.03 0.74
CA MET A 340 -10.21 4.97 0.47
C MET A 340 -9.81 3.61 -0.06
N ASN A 341 -10.22 2.54 0.65
CA ASN A 341 -9.75 1.20 0.30
C ASN A 341 -10.51 0.60 -0.90
N ILE A 342 -11.78 0.97 -1.11
CA ILE A 342 -12.42 0.60 -2.37
C ILE A 342 -11.60 1.15 -3.53
N GLN A 343 -11.32 2.45 -3.51
CA GLN A 343 -10.51 3.03 -4.59
C GLN A 343 -9.17 2.31 -4.70
N ALA A 344 -8.58 1.93 -3.54
CA ALA A 344 -7.33 1.19 -3.56
C ALA A 344 -7.51 -0.17 -4.20
N GLN A 345 -8.62 -0.86 -3.90
CA GLN A 345 -8.91 -2.10 -4.62
C GLN A 345 -9.02 -1.86 -6.12
N LEU A 346 -9.68 -0.77 -6.54
CA LEU A 346 -9.82 -0.54 -7.99
C LEU A 346 -8.45 -0.37 -8.65
N ALA A 347 -7.47 0.19 -7.92
CA ALA A 347 -6.19 0.49 -8.56
C ALA A 347 -5.35 -0.74 -8.80
N LEU A 348 -5.82 -1.92 -8.37
CA LEU A 348 -5.21 -3.18 -8.79
C LEU A 348 -5.87 -3.76 -10.04
N LEU A 349 -6.84 -3.04 -10.61
CA LEU A 349 -7.56 -3.49 -11.78
C LEU A 349 -7.31 -2.62 -12.99
N TYR A 350 -7.36 -1.31 -12.82
CA TYR A 350 -7.37 -0.43 -13.96
C TYR A 350 -6.78 0.93 -13.60
N PRO A 351 -6.06 1.56 -14.54
CA PRO A 351 -5.69 1.02 -15.85
C PRO A 351 -4.62 -0.04 -15.68
N ARG A 352 -4.34 -0.80 -16.73
CA ARG A 352 -3.49 -1.96 -16.55
C ARG A 352 -2.04 -1.60 -16.23
N PRO A 353 -1.47 -0.46 -16.68
CA PRO A 353 -0.13 -0.08 -16.18
C PRO A 353 -0.05 0.12 -14.67
N LEU A 354 -0.99 0.89 -14.11
CA LEU A 354 -1.07 1.04 -12.66
C LEU A 354 -1.24 -0.31 -11.99
N ALA A 355 -2.21 -1.11 -12.44
CA ALA A 355 -2.46 -2.41 -11.79
C ALA A 355 -1.23 -3.30 -11.81
N ARG A 356 -0.44 -3.25 -12.87
CA ARG A 356 0.74 -4.11 -12.95
C ARG A 356 1.58 -3.99 -11.68
N TYR A 357 1.97 -2.76 -11.31
CA TYR A 357 2.87 -2.55 -10.19
C TYR A 357 2.14 -2.51 -8.85
N MET A 358 0.93 -1.91 -8.79
CA MET A 358 0.17 -1.90 -7.54
C MET A 358 -0.18 -3.29 -7.04
N ARG A 359 -0.20 -4.29 -7.93
CA ARG A 359 -0.45 -5.66 -7.51
C ARG A 359 0.79 -6.28 -6.91
N GLU A 360 1.93 -6.07 -7.55
CA GLU A 360 3.19 -6.44 -6.92
C GLU A 360 3.34 -5.76 -5.56
N MET A 361 2.98 -4.48 -5.48
CA MET A 361 3.16 -3.71 -4.25
C MET A 361 2.33 -4.31 -3.12
N MET A 362 0.99 -4.37 -3.31
CA MET A 362 0.12 -5.05 -2.34
C MET A 362 0.58 -6.48 -2.10
N GLY A 363 1.16 -7.13 -3.12
CA GLY A 363 1.76 -8.44 -2.91
C GLY A 363 2.76 -8.42 -1.77
N GLU A 364 3.62 -7.39 -1.73
CA GLU A 364 4.60 -7.28 -0.64
C GLU A 364 3.94 -6.95 0.69
N PHE A 365 2.98 -6.01 0.70
CA PHE A 365 2.39 -5.54 1.95
C PHE A 365 1.58 -6.64 2.62
N LEU A 366 0.86 -7.45 1.84
CA LEU A 366 0.08 -8.54 2.41
C LEU A 366 0.95 -9.68 2.93
N LYS A 367 2.27 -9.56 2.88
CA LYS A 367 3.08 -10.49 3.66
C LYS A 367 3.11 -10.11 5.12
N PHE A 368 2.61 -8.92 5.48
CA PHE A 368 2.66 -8.40 6.85
C PHE A 368 1.33 -8.62 7.58
N ASP A 369 1.43 -8.97 8.86
CA ASP A 369 0.24 -9.25 9.64
C ASP A 369 -0.59 -7.99 9.90
N GLU A 370 0.06 -6.88 10.26
CA GLU A 370 -0.71 -5.68 10.58
C GLU A 370 -1.49 -5.18 9.37
N VAL A 371 -0.96 -5.38 8.15
CA VAL A 371 -1.71 -4.91 7.00
C VAL A 371 -2.92 -5.80 6.77
N ASN A 372 -2.71 -7.14 6.80
CA ASN A 372 -3.82 -8.07 6.62
C ASN A 372 -4.93 -7.80 7.61
N VAL A 373 -4.58 -7.61 8.88
CA VAL A 373 -5.61 -7.44 9.89
C VAL A 373 -6.32 -6.11 9.69
N PHE A 374 -5.57 -5.06 9.41
CA PHE A 374 -6.16 -3.74 9.24
C PHE A 374 -7.18 -3.73 8.10
N LEU A 375 -6.76 -4.22 6.92
CA LEU A 375 -7.64 -4.25 5.74
C LEU A 375 -8.81 -5.20 5.93
N ALA A 376 -8.56 -6.41 6.44
CA ALA A 376 -9.63 -7.38 6.67
C ALA A 376 -10.67 -6.83 7.63
N GLU A 377 -10.24 -6.08 8.63
CA GLU A 377 -11.19 -5.50 9.58
C GLU A 377 -12.09 -4.50 8.89
N ILE A 378 -11.50 -3.65 8.04
CA ILE A 378 -12.25 -2.56 7.44
C ILE A 378 -13.21 -3.07 6.36
N VAL A 379 -12.70 -3.89 5.43
CA VAL A 379 -13.58 -4.40 4.37
C VAL A 379 -14.65 -5.32 4.93
N THR A 380 -14.50 -5.87 6.15
CA THR A 380 -15.62 -6.62 6.72
C THR A 380 -16.49 -5.76 7.63
N ASN A 381 -16.20 -4.46 7.74
CA ASN A 381 -16.85 -3.56 8.68
C ASN A 381 -16.76 -4.02 10.14
N LEU A 382 -15.84 -4.94 10.49
CA LEU A 382 -15.38 -5.02 11.89
C LEU A 382 -14.72 -3.71 12.26
N GLY A 383 -13.78 -3.30 11.42
CA GLY A 383 -13.80 -1.97 10.86
C GLY A 383 -13.38 -0.97 11.87
N PRO A 384 -13.34 0.26 11.45
CA PRO A 384 -12.63 1.30 12.22
C PRO A 384 -13.02 1.25 13.68
N ALA A 385 -12.03 0.93 14.54
CA ALA A 385 -12.18 1.15 15.97
C ALA A 385 -12.59 2.59 16.24
N VAL A 386 -13.63 2.75 17.05
CA VAL A 386 -14.05 4.09 17.47
C VAL A 386 -13.03 4.63 18.46
N PRO A 387 -12.51 5.83 18.27
CA PRO A 387 -11.45 6.33 19.16
C PRO A 387 -11.99 6.57 20.57
N ILE A 388 -11.33 5.97 21.56
CA ILE A 388 -11.77 6.03 22.95
C ILE A 388 -10.65 6.66 23.75
N ALA A 389 -10.89 7.85 24.30
CA ALA A 389 -9.94 8.48 25.21
C ALA A 389 -10.73 9.32 26.22
N TYR A 390 -10.15 9.51 27.39
CA TYR A 390 -10.80 10.26 28.45
C TYR A 390 -9.80 11.21 29.07
N GLU A 391 -10.31 12.34 29.58
CA GLU A 391 -9.42 13.27 30.25
C GLU A 391 -8.84 12.64 31.51
N GLY A 392 -7.55 12.86 31.73
CA GLY A 392 -6.93 12.32 32.93
C GLY A 392 -6.33 10.96 32.74
N VAL A 393 -7.16 10.03 32.25
CA VAL A 393 -6.74 8.67 31.90
C VAL A 393 -5.60 8.78 30.89
N PRO A 394 -4.48 8.08 31.10
CA PRO A 394 -3.42 8.14 30.10
C PRO A 394 -3.47 6.98 29.13
N GLU A 395 -3.30 7.32 27.83
CA GLU A 395 -3.49 6.38 26.73
C GLU A 395 -2.71 5.09 26.96
N PRO A 396 -3.39 3.93 27.02
CA PRO A 396 -2.71 2.69 27.42
C PRO A 396 -1.75 2.17 26.36
N VAL A 397 -0.49 1.96 26.78
CA VAL A 397 0.63 1.76 25.86
C VAL A 397 0.41 0.53 24.98
N GLU A 398 -0.03 -0.57 25.58
CA GLU A 398 -0.16 -1.80 24.81
C GLU A 398 -1.28 -1.67 23.78
N GLY A 399 -1.09 -2.33 22.64
CA GLY A 399 -2.12 -2.36 21.61
C GLY A 399 -3.35 -3.14 22.09
N ASP A 400 -4.48 -2.44 22.18
CA ASP A 400 -5.74 -3.02 22.64
C ASP A 400 -6.65 -3.24 21.43
N ARG A 401 -7.09 -4.48 21.24
CA ARG A 401 -7.91 -4.87 20.11
C ARG A 401 -9.40 -4.89 20.44
N LEU A 402 -9.76 -4.48 21.65
CA LEU A 402 -11.16 -4.52 22.07
C LEU A 402 -11.79 -3.15 22.21
N LEU A 403 -11.05 -2.16 22.73
CA LEU A 403 -11.59 -0.82 22.93
C LEU A 403 -12.05 -0.23 21.60
N GLY A 404 -13.22 0.39 21.63
CA GLY A 404 -13.77 1.05 20.46
C GLY A 404 -14.33 0.11 19.42
N ARG A 405 -14.53 -1.17 19.76
CA ARG A 405 -15.02 -2.16 18.80
C ARG A 405 -16.08 -3.05 19.41
N ARG A 406 -16.93 -3.57 18.55
CA ARG A 406 -17.87 -4.58 18.99
C ARG A 406 -17.13 -5.87 19.25
N LEU A 407 -17.55 -6.58 20.28
CA LEU A 407 -16.87 -7.78 20.73
C LEU A 407 -16.94 -8.93 19.71
N PRO A 408 -16.05 -9.92 19.85
CA PRO A 408 -16.11 -11.11 18.99
C PRO A 408 -17.26 -12.04 19.32
N LYS A 409 -17.56 -12.93 18.37
CA LYS A 409 -18.73 -13.79 18.49
C LYS A 409 -18.45 -14.88 19.52
N VAL A 410 -18.75 -14.61 20.77
CA VAL A 410 -18.49 -15.58 21.83
C VAL A 410 -19.78 -15.84 22.55
N GLN A 411 -19.90 -17.06 23.06
CA GLN A 411 -20.96 -17.39 24.00
C GLN A 411 -20.72 -16.71 25.34
N ILE A 412 -21.78 -16.19 25.93
CA ILE A 412 -21.71 -15.83 27.34
C ILE A 412 -22.86 -16.54 28.06
N LYS A 413 -22.52 -17.23 29.15
CA LYS A 413 -23.47 -18.11 29.83
C LYS A 413 -23.99 -17.44 31.09
N THR A 414 -25.30 -17.24 31.16
CA THR A 414 -25.98 -16.63 32.29
C THR A 414 -26.65 -17.72 33.11
N ALA A 415 -26.96 -17.41 34.37
CA ALA A 415 -27.73 -18.35 35.16
C ALA A 415 -29.15 -18.54 34.62
N ASP A 416 -29.59 -17.69 33.68
CA ASP A 416 -30.91 -17.80 33.06
C ASP A 416 -30.84 -18.33 31.63
N GLY A 417 -29.64 -18.60 31.12
CA GLY A 417 -29.45 -19.25 29.84
C GLY A 417 -28.23 -18.70 29.14
N ASP A 418 -27.78 -19.35 28.06
CA ASP A 418 -26.69 -18.87 27.21
C ASP A 418 -27.24 -18.03 26.06
N MET A 419 -26.34 -17.22 25.50
CA MET A 419 -26.64 -16.33 24.38
C MET A 419 -25.32 -15.81 23.84
N GLY A 420 -25.32 -15.33 22.59
CA GLY A 420 -24.18 -14.63 22.07
C GLY A 420 -24.12 -13.23 22.64
N VAL A 421 -22.92 -12.62 22.63
CA VAL A 421 -22.79 -11.36 23.34
C VAL A 421 -23.53 -10.23 22.62
N ALA A 422 -23.61 -10.26 21.29
CA ALA A 422 -24.40 -9.24 20.61
C ALA A 422 -25.85 -9.25 21.07
N GLU A 423 -26.37 -10.41 21.47
CA GLU A 423 -27.76 -10.46 21.95
C GLU A 423 -28.03 -9.65 23.22
N THR A 424 -27.01 -9.36 24.07
CA THR A 424 -27.28 -8.63 25.30
C THR A 424 -27.69 -7.19 25.03
N LEU A 425 -27.26 -6.63 23.91
CA LEU A 425 -27.67 -5.27 23.53
C LEU A 425 -29.09 -5.18 22.91
N GLN A 426 -29.90 -6.23 22.92
CA GLN A 426 -31.19 -6.13 22.22
C GLN A 426 -32.18 -5.21 22.91
N SER A 427 -31.99 -4.91 24.18
CA SER A 427 -32.88 -3.96 24.84
C SER A 427 -32.70 -2.52 24.33
N GLY A 428 -31.69 -2.28 23.50
CA GLY A 428 -31.36 -0.93 23.07
C GLY A 428 -30.49 -0.13 24.03
N ARG A 429 -30.10 -0.70 25.17
CA ARG A 429 -29.38 0.06 26.19
C ARG A 429 -27.92 -0.36 26.22
N GLY A 430 -27.09 0.42 26.94
CA GLY A 430 -25.71 0.01 27.15
C GLY A 430 -25.61 -1.26 28.00
N VAL A 431 -24.51 -2.00 27.87
CA VAL A 431 -24.33 -3.20 28.67
C VAL A 431 -23.04 -3.10 29.50
N LEU A 432 -23.14 -3.43 30.78
CA LEU A 432 -22.00 -3.70 31.65
C LEU A 432 -21.86 -5.21 31.72
N LEU A 433 -20.87 -5.75 31.02
CA LEU A 433 -20.59 -7.19 31.10
C LEU A 433 -19.72 -7.48 32.31
N ASP A 434 -20.24 -8.29 33.23
CA ASP A 434 -19.46 -8.77 34.37
C ASP A 434 -19.23 -10.26 34.13
N LEU A 435 -18.10 -10.59 33.53
CA LEU A 435 -17.69 -11.97 33.27
C LEU A 435 -16.90 -12.60 34.45
N SER A 436 -17.06 -12.10 35.68
CA SER A 436 -16.27 -12.63 36.79
C SER A 436 -16.66 -14.07 37.09
N GLY A 437 -17.94 -14.40 36.97
CA GLY A 437 -18.47 -15.64 37.46
C GLY A 437 -19.00 -15.58 38.88
N ASP A 438 -18.80 -14.45 39.59
CA ASP A 438 -19.22 -14.31 40.99
C ASP A 438 -20.09 -13.08 41.23
N ALA A 439 -20.39 -12.30 40.21
CA ALA A 439 -20.96 -10.96 40.37
C ALA A 439 -20.04 -10.09 41.23
N SER A 440 -18.72 -10.19 40.99
CA SER A 440 -17.70 -9.41 41.68
C SER A 440 -17.64 -7.96 41.22
N ALA A 441 -18.32 -7.58 40.15
CA ALA A 441 -18.20 -6.22 39.63
C ALA A 441 -19.13 -5.30 40.40
N GLN A 442 -18.66 -4.09 40.69
CA GLN A 442 -19.48 -3.11 41.41
C GLN A 442 -20.19 -2.27 40.36
N GLU A 443 -21.51 -2.41 40.27
CA GLU A 443 -22.24 -1.67 39.27
C GLU A 443 -22.56 -0.27 39.76
N GLU A 444 -22.29 0.73 38.92
CA GLU A 444 -22.58 2.10 39.29
C GLU A 444 -24.08 2.31 39.12
N SER A 445 -24.82 2.20 40.23
CA SER A 445 -26.27 2.30 40.22
C SER A 445 -26.77 3.62 39.66
N GLY A 446 -25.91 4.60 39.45
CA GLY A 446 -26.40 5.84 38.92
C GLY A 446 -26.93 5.53 37.54
N TRP A 447 -26.09 4.96 36.70
CA TRP A 447 -26.48 4.72 35.33
C TRP A 447 -27.37 3.48 35.15
N ALA A 448 -27.87 2.89 36.25
CA ALA A 448 -28.60 1.63 36.20
C ALA A 448 -29.75 1.62 35.21
N ASP A 449 -30.26 2.80 34.84
CA ASP A 449 -31.41 2.91 33.97
C ASP A 449 -31.04 2.95 32.48
N ARG A 450 -29.85 3.46 32.15
CA ARG A 450 -29.28 3.44 30.81
C ARG A 450 -28.39 2.24 30.53
N VAL A 451 -27.86 1.58 31.59
CA VAL A 451 -26.95 0.46 31.41
C VAL A 451 -27.52 -0.77 32.11
N ASP A 452 -27.48 -1.91 31.42
CA ASP A 452 -27.81 -3.21 31.96
C ASP A 452 -26.57 -3.91 32.45
N VAL A 453 -26.68 -4.51 33.61
CA VAL A 453 -25.63 -5.41 34.07
C VAL A 453 -25.99 -6.82 33.61
N VAL A 454 -25.04 -7.50 32.99
CA VAL A 454 -25.14 -8.91 32.62
C VAL A 454 -24.02 -9.66 33.34
N ARG A 455 -24.40 -10.61 34.21
CA ARG A 455 -23.47 -11.42 34.99
C ARG A 455 -23.29 -12.77 34.31
N ALA A 456 -22.08 -13.05 33.86
CA ALA A 456 -21.84 -14.24 33.07
C ALA A 456 -20.54 -14.90 33.51
N GLN A 457 -20.27 -16.02 32.88
CA GLN A 457 -19.10 -16.81 33.15
C GLN A 457 -17.88 -16.26 32.43
N PRO A 458 -16.68 -16.46 32.98
CA PRO A 458 -15.49 -15.93 32.33
C PRO A 458 -15.36 -16.46 30.92
N VAL A 459 -14.88 -15.61 30.02
CA VAL A 459 -14.78 -15.94 28.61
C VAL A 459 -13.30 -15.91 28.24
N PRO A 460 -12.74 -16.98 27.69
CA PRO A 460 -11.31 -16.99 27.34
C PRO A 460 -10.97 -15.87 26.37
N ASP A 461 -9.91 -15.14 26.70
CA ASP A 461 -9.31 -14.08 25.91
C ASP A 461 -10.11 -12.80 25.93
N LEU A 462 -10.97 -12.63 26.92
CA LEU A 462 -11.67 -11.39 27.22
C LEU A 462 -11.42 -11.01 28.67
N PRO A 463 -11.35 -9.72 28.97
CA PRO A 463 -11.16 -9.31 30.37
C PRO A 463 -12.33 -9.72 31.25
N GLY A 464 -12.26 -9.35 32.54
CA GLY A 464 -13.28 -9.76 33.47
C GLY A 464 -14.51 -8.88 33.47
N THR A 465 -14.37 -7.62 33.08
CA THR A 465 -15.47 -6.66 33.04
C THR A 465 -15.39 -5.83 31.77
N LEU A 466 -16.54 -5.41 31.24
CA LEU A 466 -16.55 -4.58 30.04
C LEU A 466 -17.80 -3.73 30.03
N LEU A 467 -17.69 -2.54 29.46
CA LEU A 467 -18.83 -1.66 29.28
C LEU A 467 -19.08 -1.45 27.79
N LEU A 468 -20.31 -1.76 27.33
CA LEU A 468 -20.65 -1.60 25.92
C LEU A 468 -21.59 -0.42 25.77
N ARG A 469 -21.25 0.46 24.84
CA ARG A 469 -22.20 1.47 24.40
C ARG A 469 -23.37 0.84 23.63
N PRO A 470 -24.51 1.55 23.56
CA PRO A 470 -25.69 0.97 22.92
C PRO A 470 -25.46 0.47 21.50
N ASP A 471 -24.44 0.95 20.81
CA ASP A 471 -24.11 0.43 19.49
C ASP A 471 -23.11 -0.73 19.54
N GLY A 472 -22.91 -1.34 20.71
CA GLY A 472 -22.03 -2.48 20.85
C GLY A 472 -20.55 -2.18 21.09
N CYS A 473 -20.14 -0.92 21.04
CA CYS A 473 -18.72 -0.58 21.07
C CYS A 473 -18.21 -0.60 22.50
N VAL A 474 -17.03 -1.20 22.71
CA VAL A 474 -16.40 -1.28 24.03
C VAL A 474 -15.88 0.10 24.43
N ALA A 475 -16.51 0.74 25.40
CA ALA A 475 -15.99 2.01 25.88
C ALA A 475 -15.10 1.87 27.09
N TRP A 476 -15.02 0.68 27.68
CA TRP A 476 -14.24 0.47 28.90
C TRP A 476 -14.15 -1.01 29.19
N HIS A 477 -13.01 -1.42 29.70
CA HIS A 477 -12.82 -2.77 30.23
C HIS A 477 -11.64 -2.74 31.20
N ASP A 478 -11.49 -3.82 32.00
CA ASP A 478 -10.48 -3.87 33.07
C ASP A 478 -9.38 -4.89 32.83
N GLY A 479 -9.02 -5.14 31.58
CA GLY A 479 -7.93 -6.05 31.28
C GLY A 479 -6.62 -5.31 30.99
N GLY A 480 -6.69 -3.99 30.87
CA GLY A 480 -5.50 -3.16 30.98
C GLY A 480 -5.40 -2.67 32.41
N GLY A 481 -5.12 -1.39 32.59
CA GLY A 481 -4.97 -0.82 33.91
C GLY A 481 -6.19 -0.12 34.46
N TRP A 482 -7.31 -0.11 33.73
CA TRP A 482 -8.45 0.69 34.14
C TRP A 482 -9.27 -0.02 35.21
N GLY A 483 -10.04 0.75 35.95
CA GLY A 483 -10.80 0.22 37.07
C GLY A 483 -12.00 1.06 37.30
N GLN A 484 -12.43 1.10 38.57
CA GLN A 484 -13.75 1.63 38.86
C GLN A 484 -13.85 3.14 38.59
N ASP A 485 -12.73 3.87 38.64
CA ASP A 485 -12.84 5.31 38.42
C ASP A 485 -12.92 5.63 36.93
N GLU A 486 -12.13 4.93 36.11
CA GLU A 486 -12.20 5.11 34.67
C GLU A 486 -13.58 4.74 34.14
N LEU A 487 -14.16 3.64 34.63
CA LEU A 487 -15.52 3.29 34.25
C LEU A 487 -16.50 4.42 34.55
N ARG A 488 -16.36 5.07 35.71
CA ARG A 488 -17.23 6.22 36.02
C ARG A 488 -16.99 7.37 35.04
N THR A 489 -15.78 7.49 34.50
CA THR A 489 -15.52 8.52 33.51
C THR A 489 -16.21 8.17 32.20
N ALA A 490 -15.96 6.95 31.71
CA ALA A 490 -16.63 6.42 30.53
C ALA A 490 -18.14 6.58 30.62
N LEU A 491 -18.72 6.32 31.78
CA LEU A 491 -20.16 6.42 31.92
C LEU A 491 -20.63 7.87 31.80
N ARG A 492 -19.87 8.81 32.37
CA ARG A 492 -20.26 10.22 32.24
C ARG A 492 -20.15 10.70 30.80
N THR A 493 -19.12 10.25 30.07
CA THR A 493 -18.90 10.87 28.78
C THR A 493 -19.85 10.31 27.72
N TRP A 494 -20.26 9.05 27.84
CA TRP A 494 -21.14 8.40 26.89
C TRP A 494 -22.59 8.32 27.33
N PHE A 495 -22.86 8.14 28.62
CA PHE A 495 -24.24 8.09 29.08
C PHE A 495 -24.63 9.30 29.90
N GLY A 496 -23.70 10.25 30.11
CA GLY A 496 -24.08 11.51 30.72
C GLY A 496 -24.24 11.45 32.23
N ALA A 497 -25.02 12.39 32.74
CA ALA A 497 -25.06 12.69 34.17
C ALA A 497 -25.54 11.46 34.96
N PRO A 498 -25.11 11.32 36.21
CA PRO A 498 -25.22 10.02 36.89
C PRO A 498 -26.60 9.63 37.41
N THR A 499 -27.48 10.57 37.73
CA THR A 499 -28.77 10.30 38.41
C THR A 499 -28.65 9.42 39.67
N GLU B 3 41.79 -14.95 -20.06
CA GLU B 3 41.19 -14.38 -21.26
C GLU B 3 40.08 -13.36 -20.95
N PRO B 4 40.11 -12.21 -21.67
CA PRO B 4 39.38 -11.00 -21.27
C PRO B 4 37.88 -11.10 -20.99
N VAL B 5 37.40 -10.10 -20.26
CA VAL B 5 35.98 -9.87 -19.99
C VAL B 5 35.64 -8.45 -20.42
N VAL B 6 34.59 -8.28 -21.22
CA VAL B 6 34.30 -6.98 -21.81
C VAL B 6 33.09 -6.35 -21.13
N VAL B 7 33.28 -5.12 -20.65
CA VAL B 7 32.23 -4.29 -20.06
C VAL B 7 31.95 -3.15 -21.02
N VAL B 8 30.68 -2.85 -21.24
CA VAL B 8 30.28 -1.74 -22.08
C VAL B 8 29.63 -0.69 -21.19
N GLY B 9 30.23 0.50 -21.13
CA GLY B 9 29.66 1.57 -20.34
C GLY B 9 30.46 2.00 -19.12
N ALA B 10 31.06 3.18 -19.19
CA ALA B 10 31.82 3.73 -18.07
C ALA B 10 30.90 4.56 -17.18
N GLY B 11 29.64 4.17 -17.14
CA GLY B 11 28.74 4.67 -16.13
C GLY B 11 28.96 3.95 -14.82
N PRO B 12 28.27 4.43 -13.80
CA PRO B 12 28.45 3.85 -12.46
C PRO B 12 28.45 2.34 -12.42
N ALA B 13 27.55 1.67 -13.15
CA ALA B 13 27.53 0.21 -13.13
C ALA B 13 28.82 -0.38 -13.73
N GLY B 14 29.30 0.16 -14.86
CA GLY B 14 30.45 -0.44 -15.52
C GLY B 14 31.76 -0.22 -14.78
N LEU B 15 31.96 0.99 -14.26
CA LEU B 15 33.20 1.31 -13.56
C LEU B 15 33.40 0.39 -12.36
N MET B 16 32.38 0.30 -11.50
CA MET B 16 32.46 -0.55 -10.32
C MET B 16 32.77 -1.99 -10.70
N LEU B 17 32.03 -2.54 -11.64
CA LEU B 17 32.20 -3.94 -12.04
C LEU B 17 33.58 -4.21 -12.59
N ALA B 18 34.12 -3.28 -13.40
CA ALA B 18 35.50 -3.44 -13.87
C ALA B 18 36.46 -3.45 -12.69
N CYS B 19 36.23 -2.58 -11.70
CA CYS B 19 37.02 -2.64 -10.48
C CYS B 19 36.89 -4.00 -9.82
N GLU B 20 35.66 -4.37 -9.45
CA GLU B 20 35.34 -5.68 -8.87
C GLU B 20 36.11 -6.80 -9.55
N LEU B 21 36.25 -6.72 -10.87
CA LEU B 21 36.96 -7.76 -11.61
C LEU B 21 38.48 -7.62 -11.45
N ALA B 22 39.03 -6.45 -11.77
CA ALA B 22 40.48 -6.32 -11.84
C ALA B 22 41.14 -6.58 -10.50
N MET B 23 40.51 -6.14 -9.39
CA MET B 23 41.07 -6.40 -8.07
C MET B 23 41.24 -7.89 -7.77
N ARG B 24 40.61 -8.76 -8.55
CA ARG B 24 40.71 -10.21 -8.44
C ARG B 24 41.51 -10.79 -9.61
N ASP B 25 42.41 -9.98 -10.19
CA ASP B 25 43.34 -10.42 -11.22
C ASP B 25 42.61 -11.18 -12.33
N VAL B 26 41.57 -10.56 -12.87
CA VAL B 26 40.91 -11.03 -14.09
C VAL B 26 40.94 -9.90 -15.10
N PRO B 27 41.37 -10.14 -16.34
CA PRO B 27 41.46 -9.05 -17.31
C PRO B 27 40.07 -8.54 -17.72
N ALA B 28 39.97 -7.22 -17.90
CA ALA B 28 38.68 -6.60 -18.18
C ALA B 28 38.86 -5.36 -19.05
N VAL B 29 38.20 -5.34 -20.20
CA VAL B 29 38.20 -4.19 -21.10
C VAL B 29 36.85 -3.48 -21.02
N LEU B 30 36.88 -2.16 -20.88
CA LEU B 30 35.72 -1.34 -20.59
C LEU B 30 35.66 -0.23 -21.62
N VAL B 31 34.59 -0.22 -22.43
CA VAL B 31 34.48 0.68 -23.56
C VAL B 31 33.47 1.77 -23.23
N ASP B 32 33.63 2.93 -23.85
CA ASP B 32 32.64 3.97 -23.70
C ASP B 32 32.76 5.00 -24.82
N ILE B 33 31.61 5.47 -25.30
CA ILE B 33 31.55 6.43 -26.41
C ILE B 33 32.19 7.75 -26.04
N HIS B 34 32.11 8.14 -24.77
CA HIS B 34 32.55 9.46 -24.35
C HIS B 34 34.04 9.65 -24.58
N PRO B 35 34.47 10.74 -25.23
CA PRO B 35 35.91 11.05 -25.26
C PRO B 35 36.54 11.12 -23.88
N THR B 36 35.90 11.84 -22.96
CA THR B 36 36.34 11.99 -21.57
C THR B 36 35.21 11.53 -20.66
N GLN B 37 35.50 11.39 -19.36
CA GLN B 37 34.44 11.18 -18.39
C GLN B 37 33.34 12.20 -18.58
N ARG B 38 32.10 11.72 -18.73
CA ARG B 38 31.00 12.60 -19.12
C ARG B 38 30.78 13.69 -18.08
N ALA B 39 30.29 14.83 -18.55
CA ALA B 39 29.96 15.93 -17.65
C ALA B 39 28.50 15.92 -17.22
N GLU B 40 27.68 15.05 -17.81
CA GLU B 40 26.25 15.05 -17.52
C GLU B 40 25.92 13.89 -16.59
N ALA B 41 26.43 14.00 -15.37
CA ALA B 41 26.08 13.04 -14.34
C ALA B 41 24.99 13.68 -13.49
N PRO B 42 23.71 13.39 -13.75
CA PRO B 42 22.65 14.11 -13.03
C PRO B 42 22.64 13.78 -11.55
N ALA B 43 22.79 12.50 -11.21
CA ALA B 43 22.67 12.08 -9.82
C ALA B 43 23.57 12.92 -8.95
N MET B 44 23.07 13.25 -7.78
CA MET B 44 23.89 13.86 -6.77
C MET B 44 24.04 13.01 -5.52
N ALA B 45 23.09 12.17 -5.18
CA ALA B 45 23.04 11.55 -3.86
C ALA B 45 23.58 10.14 -3.89
N ILE B 46 23.99 9.65 -2.71
CA ILE B 46 24.20 8.21 -2.51
C ILE B 46 23.61 7.78 -1.19
N ASN B 47 22.81 6.71 -1.25
CA ASN B 47 22.10 6.20 -0.10
C ASN B 47 23.00 5.24 0.65
N ALA B 48 22.52 4.91 1.86
CA ALA B 48 23.34 4.16 2.80
C ALA B 48 23.73 2.82 2.23
N GLY B 49 22.79 2.18 1.52
CA GLY B 49 23.10 0.88 0.94
C GLY B 49 24.29 0.94 0.02
N THR B 50 24.43 2.05 -0.72
CA THR B 50 25.50 2.14 -1.69
C THR B 50 26.80 2.50 -1.01
N LEU B 51 26.72 3.30 0.05
CA LEU B 51 27.89 3.62 0.86
C LEU B 51 28.55 2.36 1.41
N GLU B 52 27.74 1.44 1.97
CA GLU B 52 28.27 0.17 2.49
C GLU B 52 29.03 -0.60 1.40
N MET B 53 28.52 -0.62 0.17
CA MET B 53 29.22 -1.33 -0.91
C MET B 53 30.52 -0.64 -1.31
N LEU B 54 30.52 0.69 -1.34
CA LEU B 54 31.77 1.42 -1.56
C LEU B 54 32.73 1.26 -0.40
N ASP B 55 32.23 1.34 0.85
CA ASP B 55 33.08 1.06 2.02
C ASP B 55 33.79 -0.28 1.86
N GLN B 56 33.12 -1.26 1.25
CA GLN B 56 33.69 -2.58 1.14
C GLN B 56 34.92 -2.61 0.25
N ARG B 57 35.12 -1.58 -0.56
CA ARG B 57 36.33 -1.46 -1.37
C ARG B 57 37.19 -0.26 -0.96
N GLY B 58 36.93 0.34 0.20
CA GLY B 58 37.67 1.53 0.57
C GLY B 58 37.44 2.69 -0.36
N LEU B 59 36.29 2.73 -1.03
CA LEU B 59 36.00 3.77 -1.97
C LEU B 59 35.14 4.88 -1.40
N ALA B 60 34.93 4.91 -0.08
CA ALA B 60 34.00 5.87 0.50
C ALA B 60 34.59 6.83 1.50
N ALA B 61 35.59 6.42 2.28
CA ALA B 61 36.37 7.41 3.02
C ALA B 61 37.01 8.38 2.03
N GLY B 62 36.82 9.67 2.26
CA GLY B 62 37.36 10.65 1.33
C GLY B 62 36.25 11.38 0.59
N LEU B 63 35.23 10.62 0.13
CA LEU B 63 34.05 11.17 -0.51
C LEU B 63 32.88 11.30 0.46
N ARG B 64 32.94 10.66 1.62
CA ARG B 64 32.56 11.39 2.82
C ARG B 64 33.66 12.40 3.02
N GLU B 65 33.39 13.43 3.80
CA GLU B 65 34.23 14.58 4.10
C GLU B 65 33.85 15.75 3.21
N GLY B 66 33.50 16.84 3.89
CA GLY B 66 32.93 18.02 3.31
C GLY B 66 31.53 17.81 2.79
N THR B 67 31.21 16.57 2.45
CA THR B 67 29.90 16.21 1.90
C THR B 67 28.84 16.24 3.00
N VAL B 68 27.72 16.87 2.70
CA VAL B 68 26.67 17.05 3.70
C VAL B 68 25.59 16.00 3.51
N THR B 69 24.95 15.65 4.61
CA THR B 69 23.96 14.60 4.68
C THR B 69 22.63 15.18 5.08
N PHE B 70 21.63 14.61 4.57
CA PHE B 70 20.25 14.87 4.86
C PHE B 70 19.66 13.67 5.63
N PRO B 71 18.72 13.88 6.61
CA PRO B 71 18.33 12.76 7.48
C PRO B 71 17.05 11.99 7.11
N GLU B 72 16.09 12.64 6.47
CA GLU B 72 14.82 11.98 6.11
C GLU B 72 15.07 10.98 5.00
N VAL B 73 14.10 10.09 4.80
CA VAL B 73 14.07 9.14 3.69
C VAL B 73 12.61 9.03 3.28
N ARG B 74 12.26 9.58 2.13
CA ARG B 74 10.86 9.79 1.85
C ARG B 74 10.32 8.86 0.79
N PHE B 75 9.04 8.57 0.93
CA PHE B 75 8.24 7.85 -0.05
C PHE B 75 7.33 8.89 -0.68
N ALA B 76 7.58 9.21 -1.96
CA ALA B 76 7.12 10.48 -2.56
C ALA B 76 7.48 11.56 -1.53
N ASP B 77 6.54 12.42 -1.11
CA ASP B 77 6.81 13.41 -0.09
C ASP B 77 6.43 12.94 1.31
N LEU B 78 5.97 11.69 1.46
CA LEU B 78 5.66 11.10 2.76
C LEU B 78 6.96 10.68 3.45
N ARG B 79 6.93 10.63 4.78
CA ARG B 79 8.12 10.33 5.55
C ARG B 79 8.16 8.87 5.96
N LEU B 80 9.31 8.24 5.77
CA LEU B 80 9.58 6.92 6.29
C LEU B 80 10.33 7.03 7.61
N ALA B 81 10.08 6.07 8.48
CA ALA B 81 10.70 6.06 9.81
C ALA B 81 11.97 5.22 9.74
N PHE B 82 13.01 5.80 9.12
CA PHE B 82 14.24 5.05 8.87
C PHE B 82 14.91 4.60 10.18
N GLU B 83 14.66 5.30 11.28
CA GLU B 83 15.27 4.96 12.57
C GLU B 83 14.79 3.61 13.11
N LYS B 84 13.83 2.99 12.43
CA LYS B 84 13.34 1.69 12.86
C LYS B 84 14.07 0.53 12.18
N VAL B 85 14.98 0.79 11.22
CA VAL B 85 15.81 -0.26 10.64
C VAL B 85 16.79 -0.77 11.69
N GLN B 86 17.03 -2.08 11.69
CA GLN B 86 17.93 -2.69 12.66
C GLN B 86 19.35 -2.16 12.46
N GLY B 87 20.11 -2.15 13.57
CA GLY B 87 21.51 -1.77 13.56
C GLY B 87 21.70 -0.30 13.22
N PRO B 88 22.89 0.22 13.49
CA PRO B 88 23.18 1.59 13.06
C PRO B 88 23.44 1.64 11.57
N ARG B 89 22.88 2.68 10.93
CA ARG B 89 23.08 2.85 9.49
C ARG B 89 23.52 4.28 9.20
N GLU B 90 23.46 4.66 7.93
CA GLU B 90 24.00 5.92 7.48
C GLU B 90 22.91 6.80 6.90
N PRO B 91 23.01 8.12 7.06
CA PRO B 91 22.17 9.01 6.27
C PRO B 91 22.65 9.03 4.83
N THR B 92 21.77 9.48 3.94
CA THR B 92 22.18 9.65 2.55
C THR B 92 23.19 10.78 2.45
N HIS B 93 24.27 10.59 1.67
CA HIS B 93 25.34 11.57 1.52
C HIS B 93 25.30 12.21 0.14
N MET B 94 25.84 13.43 0.07
CA MET B 94 25.65 14.31 -1.09
C MET B 94 26.95 14.48 -1.88
N VAL B 95 27.50 13.34 -2.37
CA VAL B 95 28.66 13.35 -3.24
C VAL B 95 28.19 13.28 -4.67
N LEU B 96 28.63 14.23 -5.49
CA LEU B 96 28.15 14.30 -6.88
C LEU B 96 28.53 13.05 -7.67
N GLN B 97 27.64 12.64 -8.58
CA GLN B 97 27.87 11.41 -9.33
C GLN B 97 29.17 11.47 -10.13
N SER B 98 29.57 12.68 -10.53
CA SER B 98 30.81 12.83 -11.28
C SER B 98 32.02 12.62 -10.39
N ARG B 99 31.98 13.15 -9.16
CA ARG B 99 33.05 12.89 -8.21
C ARG B 99 33.17 11.40 -7.92
N LEU B 100 32.05 10.68 -7.92
CA LEU B 100 32.08 9.24 -7.71
C LEU B 100 32.54 8.48 -8.95
N GLU B 101 32.14 8.90 -10.14
CA GLU B 101 32.60 8.22 -11.34
C GLU B 101 34.12 8.31 -11.48
N LYS B 102 34.73 9.41 -11.02
CA LYS B 102 36.17 9.58 -11.14
C LYS B 102 36.93 8.73 -10.16
N VAL B 103 36.49 8.75 -8.89
CA VAL B 103 36.99 7.82 -7.90
C VAL B 103 36.98 6.40 -8.45
N LEU B 104 35.92 6.06 -9.20
CA LEU B 104 35.86 4.73 -9.80
C LEU B 104 36.73 4.63 -11.04
N ILE B 105 36.86 5.71 -11.82
CA ILE B 105 37.75 5.69 -12.98
C ILE B 105 39.19 5.50 -12.54
N ASP B 106 39.70 6.44 -11.73
CA ASP B 106 41.13 6.37 -11.42
C ASP B 106 41.46 5.20 -10.51
N ARG B 107 40.46 4.61 -9.84
CA ARG B 107 40.66 3.33 -9.15
C ARG B 107 40.67 2.17 -10.14
N ALA B 108 39.79 2.23 -11.16
CA ALA B 108 39.72 1.16 -12.14
C ALA B 108 41.09 0.89 -12.76
N VAL B 109 41.80 1.95 -13.15
CA VAL B 109 43.03 1.71 -13.90
C VAL B 109 44.19 1.38 -12.98
N GLU B 110 44.27 2.04 -11.81
CA GLU B 110 45.25 1.66 -10.80
C GLU B 110 45.22 0.15 -10.55
N LEU B 111 44.02 -0.46 -10.60
CA LEU B 111 43.92 -1.91 -10.50
C LEU B 111 44.41 -2.60 -11.78
N GLY B 112 44.07 -2.07 -12.96
CA GLY B 112 44.52 -2.64 -14.21
C GLY B 112 43.46 -2.81 -15.30
N VAL B 113 42.53 -1.87 -15.40
CA VAL B 113 41.43 -1.97 -16.35
C VAL B 113 41.85 -1.34 -17.67
N ASP B 114 41.67 -2.08 -18.77
CA ASP B 114 41.87 -1.54 -20.12
C ASP B 114 40.61 -0.75 -20.49
N LEU B 115 40.57 0.49 -20.00
CA LEU B 115 39.47 1.38 -20.34
C LEU B 115 39.74 2.04 -21.69
N ARG B 116 38.73 2.08 -22.55
CA ARG B 116 38.83 2.67 -23.88
C ARG B 116 37.76 3.74 -24.02
N TRP B 117 38.13 5.01 -23.82
CA TRP B 117 37.23 6.10 -24.19
C TRP B 117 37.06 6.13 -25.72
N ALA B 118 36.04 6.86 -26.17
CA ALA B 118 35.82 7.08 -27.60
C ALA B 118 35.70 5.74 -28.34
N THR B 119 35.10 4.75 -27.70
CA THR B 119 34.94 3.42 -28.26
C THR B 119 33.53 2.92 -28.04
N ARG B 120 32.87 2.51 -29.11
CA ARG B 120 31.50 2.01 -29.07
C ARG B 120 31.48 0.55 -29.50
N LEU B 121 30.80 -0.28 -28.70
CA LEU B 121 30.43 -1.60 -29.19
C LEU B 121 29.30 -1.47 -30.21
N THR B 122 29.46 -2.09 -31.38
CA THR B 122 28.44 -2.03 -32.40
C THR B 122 27.85 -3.39 -32.75
N GLY B 123 28.34 -4.46 -32.15
CA GLY B 123 27.83 -5.80 -32.42
C GLY B 123 28.68 -6.82 -31.70
N PHE B 124 28.13 -8.01 -31.57
CA PHE B 124 28.81 -9.12 -30.92
C PHE B 124 28.12 -10.40 -31.31
N GLU B 125 28.86 -11.50 -31.25
CA GLU B 125 28.32 -12.79 -31.61
C GLU B 125 28.90 -13.86 -30.71
N GLU B 126 28.02 -14.71 -30.18
CA GLU B 126 28.40 -15.88 -29.43
C GLU B 126 29.26 -16.82 -30.28
N ALA B 127 30.00 -17.69 -29.60
CA ALA B 127 30.78 -18.71 -30.30
C ALA B 127 29.91 -19.92 -30.55
N ALA B 128 30.02 -20.48 -31.77
CA ALA B 128 29.36 -21.75 -32.08
C ALA B 128 29.79 -22.82 -31.09
N ASP B 129 31.09 -22.87 -30.76
CA ASP B 129 31.50 -23.50 -29.53
C ASP B 129 30.60 -22.97 -28.44
N GLY B 130 30.77 -21.72 -28.04
CA GLY B 130 30.02 -21.20 -26.91
C GLY B 130 30.94 -20.80 -25.80
N SER B 131 32.22 -21.09 -26.00
CA SER B 131 33.29 -20.83 -25.06
C SER B 131 33.80 -19.39 -25.10
N GLY B 132 33.26 -18.56 -26.00
CA GLY B 132 33.67 -17.17 -26.07
C GLY B 132 32.63 -16.38 -26.80
N VAL B 133 32.82 -15.06 -26.83
CA VAL B 133 31.95 -14.19 -27.60
C VAL B 133 32.81 -13.18 -28.36
N THR B 134 32.82 -13.27 -29.69
CA THR B 134 33.47 -12.28 -30.52
C THR B 134 32.65 -11.00 -30.51
N VAL B 135 33.32 -9.88 -30.31
CA VAL B 135 32.66 -8.59 -30.19
C VAL B 135 33.39 -7.61 -31.11
N THR B 136 32.65 -6.68 -31.70
CA THR B 136 33.21 -5.73 -32.64
C THR B 136 33.10 -4.33 -32.04
N LEU B 137 34.13 -3.50 -32.25
CA LEU B 137 34.19 -2.18 -31.65
C LEU B 137 34.55 -1.14 -32.70
N ALA B 138 33.71 -0.11 -32.81
CA ALA B 138 33.96 1.01 -33.69
C ALA B 138 34.80 2.05 -32.97
N SER B 139 35.82 2.56 -33.66
CA SER B 139 36.76 3.48 -33.05
C SER B 139 37.11 4.56 -34.07
N ASP B 140 37.80 5.58 -33.58
CA ASP B 140 38.43 6.52 -34.49
C ASP B 140 39.38 5.80 -35.42
N ALA B 141 40.12 4.81 -34.90
CA ALA B 141 41.04 4.03 -35.71
C ALA B 141 40.33 3.07 -36.65
N GLY B 142 39.05 2.81 -36.44
CA GLY B 142 38.32 1.85 -37.25
C GLY B 142 37.90 0.64 -36.43
N GLU B 143 37.25 -0.28 -37.13
CA GLU B 143 36.57 -1.42 -36.51
C GLU B 143 37.58 -2.49 -36.09
N GLU B 144 37.62 -2.80 -34.80
CA GLU B 144 38.37 -3.92 -34.25
C GLU B 144 37.41 -5.08 -33.97
N GLN B 145 37.98 -6.24 -33.63
CA GLN B 145 37.15 -7.41 -33.31
C GLN B 145 37.87 -8.25 -32.25
N LEU B 146 37.55 -7.97 -30.99
CA LEU B 146 38.15 -8.66 -29.84
C LEU B 146 37.30 -9.86 -29.42
N ARG B 147 37.98 -10.92 -29.00
CA ARG B 147 37.35 -12.16 -28.55
C ARG B 147 37.44 -12.22 -27.02
N CYS B 148 36.29 -12.29 -26.35
CA CYS B 148 36.22 -12.23 -24.89
C CYS B 148 35.57 -13.48 -24.31
N ARG B 149 35.70 -13.64 -22.99
CA ARG B 149 35.21 -14.79 -22.24
C ARG B 149 33.88 -14.56 -21.57
N TYR B 150 33.55 -13.30 -21.27
CA TYR B 150 32.24 -12.91 -20.80
C TYR B 150 32.00 -11.46 -21.20
N LEU B 151 30.73 -11.12 -21.45
CA LEU B 151 30.35 -9.80 -21.95
C LEU B 151 29.24 -9.22 -21.08
N VAL B 152 29.45 -8.01 -20.58
CA VAL B 152 28.50 -7.41 -19.67
C VAL B 152 28.13 -6.02 -20.18
N GLY B 153 26.83 -5.81 -20.42
CA GLY B 153 26.34 -4.57 -20.96
C GLY B 153 25.90 -3.62 -19.86
N CYS B 154 26.72 -2.63 -19.57
CA CYS B 154 26.41 -1.60 -18.59
C CYS B 154 26.11 -0.28 -19.29
N ASP B 155 25.32 -0.35 -20.38
CA ASP B 155 25.27 0.72 -21.37
C ASP B 155 23.94 1.48 -21.36
N GLY B 156 23.22 1.47 -20.25
CA GLY B 156 22.08 2.35 -20.08
C GLY B 156 20.79 1.80 -20.62
N ARG B 157 19.78 2.68 -20.57
CA ARG B 157 18.41 2.30 -20.92
C ARG B 157 18.28 1.81 -22.36
N GLU B 158 19.17 2.24 -23.27
CA GLU B 158 19.06 1.86 -24.68
C GLU B 158 20.05 0.75 -25.06
N SER B 159 20.52 -0.01 -24.08
CA SER B 159 21.51 -1.07 -24.19
C SER B 159 21.38 -1.88 -25.49
N ILE B 160 22.41 -1.81 -26.34
CA ILE B 160 22.46 -2.70 -27.49
C ILE B 160 22.79 -4.11 -27.07
N VAL B 161 23.60 -4.25 -26.01
CA VAL B 161 23.89 -5.58 -25.48
C VAL B 161 22.59 -6.29 -25.13
N ARG B 162 21.71 -5.60 -24.39
CA ARG B 162 20.39 -6.16 -24.10
C ARG B 162 19.60 -6.44 -25.37
N LYS B 163 19.65 -5.52 -26.34
CA LYS B 163 18.84 -5.67 -27.55
C LYS B 163 19.27 -6.89 -28.36
N GLN B 164 20.52 -6.90 -28.84
CA GLN B 164 21.01 -7.98 -29.69
C GLN B 164 21.13 -9.33 -28.97
N ALA B 165 20.80 -9.38 -27.69
CA ALA B 165 20.87 -10.62 -26.92
C ALA B 165 19.55 -11.37 -26.91
N GLY B 166 18.46 -10.74 -27.36
CA GLY B 166 17.15 -11.35 -27.39
C GLY B 166 16.27 -11.08 -26.20
N ILE B 167 16.63 -10.12 -25.35
CA ILE B 167 16.07 -9.92 -24.01
C ILE B 167 14.96 -8.87 -24.05
N ASP B 168 13.77 -9.25 -23.58
CA ASP B 168 12.61 -8.36 -23.54
C ASP B 168 12.72 -7.37 -22.38
N TYR B 169 12.05 -6.24 -22.52
CA TYR B 169 12.23 -5.11 -21.61
C TYR B 169 10.87 -4.74 -21.07
N VAL B 170 10.40 -5.51 -20.09
CA VAL B 170 9.00 -5.44 -19.73
C VAL B 170 8.74 -4.27 -18.79
N GLY B 171 7.50 -3.86 -18.72
CA GLY B 171 7.14 -2.66 -18.01
C GLY B 171 5.94 -2.00 -18.65
N ASP B 172 5.63 -0.81 -18.14
CA ASP B 172 4.45 -0.05 -18.54
C ASP B 172 4.43 1.25 -17.75
N ASP B 173 3.87 2.32 -18.31
CA ASP B 173 3.65 3.55 -17.56
C ASP B 173 2.26 4.09 -17.83
N TRP B 174 1.69 4.75 -16.83
CA TRP B 174 0.40 5.40 -17.01
C TRP B 174 0.50 6.91 -17.16
N VAL B 175 1.69 7.49 -16.96
CA VAL B 175 2.00 8.87 -17.34
C VAL B 175 3.43 8.90 -17.84
N ILE B 176 3.83 10.04 -18.39
CA ILE B 176 5.22 10.28 -18.76
C ILE B 176 5.71 11.51 -18.00
N VAL B 177 6.60 11.27 -17.03
CA VAL B 177 7.29 12.38 -16.38
C VAL B 177 8.39 12.84 -17.30
N ARG B 178 8.66 14.14 -17.27
CA ARG B 178 9.65 14.75 -18.15
C ARG B 178 10.04 16.09 -17.55
N GLY B 179 11.17 16.61 -18.03
CA GLY B 179 11.72 17.83 -17.47
C GLY B 179 13.14 18.03 -17.96
N ILE B 180 13.91 18.80 -17.19
CA ILE B 180 15.31 19.04 -17.53
C ILE B 180 16.19 18.94 -16.28
N VAL B 181 17.45 18.57 -16.49
CA VAL B 181 18.44 18.42 -15.44
C VAL B 181 19.75 19.04 -15.92
N GLY B 182 20.41 19.81 -15.06
CA GLY B 182 21.69 20.37 -15.48
C GLY B 182 22.25 21.38 -14.49
N ASP B 183 23.09 22.28 -15.02
CA ASP B 183 23.76 23.32 -14.25
C ASP B 183 23.75 24.63 -15.03
N VAL B 184 23.61 25.73 -14.27
CA VAL B 184 23.62 27.08 -14.81
C VAL B 184 24.57 27.91 -13.97
N ALA B 185 25.13 28.94 -14.59
CA ALA B 185 25.96 29.89 -13.86
C ALA B 185 25.08 30.68 -12.89
N ILE B 186 25.69 31.64 -12.23
CA ILE B 186 25.05 32.44 -11.21
C ILE B 186 25.62 33.84 -11.37
N ASN B 187 25.20 34.75 -10.50
CA ASN B 187 26.07 35.87 -10.19
C ASN B 187 26.47 35.74 -8.72
N ARG B 188 27.74 36.02 -8.46
CA ARG B 188 28.50 35.42 -7.36
C ARG B 188 28.64 36.31 -6.14
N GLU B 189 29.66 37.16 -6.22
CA GLU B 189 30.12 38.04 -5.15
C GLU B 189 28.91 38.63 -4.43
N ASP B 190 27.90 39.03 -5.20
CA ASP B 190 26.61 39.40 -4.63
C ASP B 190 25.78 38.14 -4.36
N VAL B 191 25.38 37.98 -3.10
CA VAL B 191 24.32 37.09 -2.64
C VAL B 191 23.38 36.72 -3.79
N ALA B 192 23.13 35.44 -3.97
CA ALA B 192 22.15 35.06 -4.97
C ALA B 192 20.75 35.11 -4.37
N PRO B 193 19.73 35.40 -5.17
CA PRO B 193 18.35 35.33 -4.64
C PRO B 193 17.50 34.22 -5.24
N GLU B 194 16.20 34.50 -5.41
CA GLU B 194 15.20 33.65 -6.08
C GLU B 194 14.71 32.54 -5.15
N GLN B 195 13.76 31.73 -5.60
CA GLN B 195 13.37 30.53 -4.89
C GLN B 195 14.23 29.39 -5.44
N TYR B 196 14.58 28.46 -4.57
CA TYR B 196 15.19 27.29 -5.13
C TYR B 196 14.98 25.98 -4.35
N GLY B 197 14.46 26.01 -3.13
CA GLY B 197 14.20 24.76 -2.44
C GLY B 197 13.12 23.95 -3.15
N LEU B 198 13.27 22.62 -3.13
CA LEU B 198 12.35 21.73 -3.82
C LEU B 198 10.91 22.01 -3.43
N SER B 199 10.13 22.50 -4.38
CA SER B 199 8.74 22.79 -4.19
C SER B 199 7.90 21.86 -5.05
N TYR B 200 6.64 21.67 -4.63
CA TYR B 200 5.63 20.97 -5.39
C TYR B 200 4.52 21.94 -5.76
N THR B 201 3.89 21.72 -6.91
CA THR B 201 2.64 22.37 -7.25
C THR B 201 1.49 21.38 -6.98
N ASP B 202 0.26 21.84 -7.18
CA ASP B 202 -0.87 21.00 -6.77
C ASP B 202 -1.08 19.81 -7.70
N ASN B 203 -0.78 19.95 -8.99
CA ASN B 203 -0.53 18.79 -9.84
C ASN B 203 0.93 18.40 -9.67
N GLY B 204 1.19 17.09 -9.64
CA GLY B 204 2.45 16.52 -9.18
C GLY B 204 3.79 17.15 -9.55
N ASP B 205 3.81 18.40 -10.03
CA ASP B 205 5.01 18.97 -10.65
C ASP B 205 5.99 19.54 -9.62
N GLN B 206 7.27 19.25 -9.84
CA GLN B 206 8.35 19.47 -8.88
C GLN B 206 9.42 20.35 -9.52
N PHE B 207 9.95 21.32 -8.76
CA PHE B 207 11.17 22.01 -9.16
C PHE B 207 12.12 22.10 -7.98
N LEU B 208 13.42 22.07 -8.30
CA LEU B 208 14.45 22.08 -7.28
C LEU B 208 15.68 22.77 -7.83
N GLY B 209 16.12 23.84 -7.16
CA GLY B 209 17.41 24.41 -7.41
C GLY B 209 18.36 23.91 -6.35
N ALA B 210 19.41 23.21 -6.78
CA ALA B 210 20.42 22.69 -5.86
C ALA B 210 21.73 23.44 -6.09
N PRO B 211 22.08 24.41 -5.25
CA PRO B 211 23.37 25.07 -5.43
C PRO B 211 24.49 24.15 -5.00
N LEU B 212 25.16 23.54 -5.98
CA LEU B 212 26.35 22.75 -5.67
C LEU B 212 27.37 23.59 -4.92
N SER B 213 27.70 24.76 -5.45
CA SER B 213 28.79 25.54 -4.87
C SER B 213 28.67 26.98 -5.36
N PRO B 214 29.21 27.97 -4.58
CA PRO B 214 28.73 29.37 -4.67
C PRO B 214 28.10 29.79 -5.99
N ASP B 215 28.79 29.41 -7.06
CA ASP B 215 28.57 29.82 -8.43
C ASP B 215 27.59 28.95 -9.19
N VAL B 216 27.49 27.69 -8.81
CA VAL B 216 26.93 26.67 -9.68
C VAL B 216 25.77 26.03 -8.96
N MET B 217 24.64 25.93 -9.63
CA MET B 217 23.48 25.33 -8.98
C MET B 217 22.80 24.39 -9.97
N ARG B 218 22.58 23.16 -9.53
CA ARG B 218 21.95 22.14 -10.36
C ARG B 218 20.45 22.33 -10.38
N VAL B 219 19.85 22.03 -11.53
CA VAL B 219 18.44 22.29 -11.76
C VAL B 219 17.76 20.96 -12.09
N PHE B 220 16.61 20.71 -11.45
CA PHE B 220 15.76 19.57 -11.80
C PHE B 220 14.32 20.03 -11.79
N SER B 221 13.58 19.64 -12.83
CA SER B 221 12.14 19.83 -12.90
C SER B 221 11.52 18.53 -13.37
N ALA B 222 10.27 18.30 -12.95
CA ALA B 222 9.55 17.07 -13.31
C ALA B 222 8.09 17.40 -13.50
N GLU B 223 7.57 17.14 -14.72
CA GLU B 223 6.20 17.45 -15.08
C GLU B 223 5.49 16.21 -15.60
N PHE B 224 4.21 16.10 -15.27
CA PHE B 224 3.43 14.89 -15.50
C PHE B 224 2.37 15.16 -16.58
N SER B 225 2.24 14.25 -17.55
CA SER B 225 1.11 14.28 -18.48
C SER B 225 1.14 13.04 -19.38
N THR B 226 -0.05 12.68 -19.87
CA THR B 226 -0.19 11.58 -20.82
C THR B 226 0.31 11.96 -22.20
N GLU B 227 0.14 13.22 -22.59
CA GLU B 227 0.53 13.65 -23.92
C GLU B 227 2.04 13.56 -24.09
N PRO B 228 2.54 12.94 -25.16
CA PRO B 228 3.97 12.75 -25.35
C PRO B 228 4.76 14.04 -25.18
N PRO B 229 5.93 13.96 -24.51
CA PRO B 229 6.85 15.10 -24.39
C PRO B 229 6.94 16.00 -25.62
N GLU B 230 7.13 17.29 -25.39
CA GLU B 230 7.26 18.23 -26.51
C GLU B 230 8.60 18.04 -27.22
N PHE B 231 9.70 18.04 -26.45
CA PHE B 231 11.05 18.07 -27.00
C PHE B 231 11.70 16.69 -26.86
N GLU B 232 12.24 16.19 -27.96
CA GLU B 232 12.63 14.78 -28.07
C GLU B 232 13.92 14.44 -27.32
N ASP B 233 14.12 14.97 -26.11
CA ASP B 233 15.11 14.43 -25.17
C ASP B 233 16.54 14.63 -25.68
N GLY B 234 17.02 15.85 -25.67
CA GLY B 234 18.34 16.11 -26.21
C GLY B 234 19.25 16.96 -25.37
N PRO B 235 19.57 18.14 -25.87
CA PRO B 235 20.63 18.88 -25.22
C PRO B 235 20.11 20.11 -24.49
N ALA B 236 18.86 20.44 -24.81
CA ALA B 236 18.14 21.64 -24.33
C ALA B 236 18.86 22.93 -24.68
N THR B 237 18.33 24.02 -24.14
CA THR B 237 18.86 25.37 -24.23
C THR B 237 18.46 26.06 -22.94
N LEU B 238 19.20 27.11 -22.59
CA LEU B 238 18.95 27.76 -21.31
C LEU B 238 17.52 28.31 -21.27
N GLU B 239 16.97 28.70 -22.41
CA GLU B 239 15.69 29.37 -22.25
C GLU B 239 14.48 28.54 -22.64
N GLN B 240 14.68 27.31 -23.07
CA GLN B 240 13.67 26.30 -22.77
C GLN B 240 13.54 26.15 -21.26
N LEU B 241 14.70 26.10 -20.57
CA LEU B 241 14.73 26.00 -19.11
C LEU B 241 14.02 27.15 -18.40
N GLY B 242 14.22 28.39 -18.84
CA GLY B 242 13.70 29.52 -18.09
C GLY B 242 12.19 29.68 -18.20
N ASP B 243 11.63 29.32 -19.36
CA ASP B 243 10.19 29.04 -19.37
C ASP B 243 9.88 27.99 -18.35
N ALA B 244 10.77 26.98 -18.22
CA ALA B 244 10.41 25.82 -17.40
C ALA B 244 10.05 26.25 -16.00
N VAL B 245 10.94 27.02 -15.41
CA VAL B 245 10.79 27.45 -14.01
C VAL B 245 9.65 28.46 -13.87
N LYS B 246 9.62 29.42 -14.78
CA LYS B 246 8.57 30.43 -14.74
C LYS B 246 7.17 29.80 -14.70
N ARG B 247 6.94 28.77 -15.52
CA ARG B 247 5.64 28.10 -15.42
C ARG B 247 5.44 27.48 -14.06
N LEU B 248 6.46 26.79 -13.55
CA LEU B 248 6.33 26.06 -12.31
C LEU B 248 6.53 26.98 -11.12
N THR B 249 7.61 27.75 -11.13
CA THR B 249 7.90 28.61 -9.98
C THR B 249 6.99 29.82 -9.92
N GLY B 250 6.67 30.42 -11.06
CA GLY B 250 6.09 31.76 -11.12
C GLY B 250 7.16 32.80 -11.37
N LYS B 251 8.30 32.65 -10.70
CA LYS B 251 9.41 33.59 -10.87
C LYS B 251 10.18 33.29 -12.16
N GLU B 252 11.10 34.20 -12.47
CA GLU B 252 11.97 34.07 -13.63
C GLU B 252 13.30 33.48 -13.19
N LEU B 253 14.00 32.88 -14.15
CA LEU B 253 15.29 32.28 -13.84
C LEU B 253 16.31 33.35 -13.49
N LYS B 254 16.71 34.16 -14.48
CA LYS B 254 17.70 35.21 -14.28
C LYS B 254 18.98 34.65 -13.64
N ALA B 255 19.70 33.91 -14.47
CA ALA B 255 21.05 33.43 -14.16
C ALA B 255 21.63 32.99 -15.48
N THR B 256 22.73 33.62 -15.89
CA THR B 256 23.17 33.48 -17.27
C THR B 256 23.93 32.18 -17.50
N GLU B 257 24.12 31.86 -18.79
CA GLU B 257 24.89 30.75 -19.33
C GLU B 257 24.51 29.39 -18.75
N ALA B 258 24.67 28.34 -19.55
CA ALA B 258 24.30 26.99 -19.12
C ALA B 258 25.40 26.03 -19.56
N HIS B 259 26.10 25.46 -18.57
CA HIS B 259 27.19 24.52 -18.81
C HIS B 259 26.70 23.29 -19.57
N TRP B 260 25.94 22.42 -18.91
CA TRP B 260 25.31 21.28 -19.56
C TRP B 260 23.86 21.19 -19.12
N LEU B 261 22.97 20.96 -20.09
CA LEU B 261 21.55 20.75 -19.81
C LEU B 261 21.05 19.58 -20.65
N GLN B 262 19.99 18.92 -20.14
CA GLN B 262 19.53 17.63 -20.67
C GLN B 262 18.03 17.49 -20.45
N HIS B 263 17.25 17.49 -21.53
CA HIS B 263 15.88 16.99 -21.43
C HIS B 263 15.91 15.51 -21.10
N TYR B 264 14.90 15.07 -20.37
CA TYR B 264 14.76 13.66 -20.03
C TYR B 264 13.27 13.31 -20.05
N SER B 265 12.99 12.03 -20.24
CA SER B 265 11.67 11.46 -20.06
C SER B 265 11.83 10.09 -19.40
N ILE B 266 10.84 9.66 -18.64
CA ILE B 266 10.97 8.42 -17.87
C ILE B 266 10.15 7.32 -18.50
N VAL B 267 10.66 6.11 -18.35
CA VAL B 267 9.93 4.89 -18.67
C VAL B 267 10.38 3.83 -17.66
N THR B 268 9.43 3.03 -17.18
CA THR B 268 9.69 2.01 -16.16
C THR B 268 9.80 0.63 -16.81
N ARG B 269 10.96 0.01 -16.67
CA ARG B 269 11.30 -1.20 -17.40
C ARG B 269 12.17 -2.06 -16.50
N ASN B 270 12.10 -3.38 -16.72
CA ASN B 270 12.90 -4.32 -15.95
C ASN B 270 13.06 -5.53 -16.84
N ALA B 271 14.28 -5.76 -17.34
CA ALA B 271 14.53 -6.87 -18.25
C ALA B 271 14.14 -8.18 -17.59
N GLU B 272 13.58 -9.10 -18.38
CA GLU B 272 13.08 -10.32 -17.78
C GLU B 272 14.22 -11.31 -17.48
N GLN B 273 15.31 -11.27 -18.23
CA GLN B 273 16.49 -12.07 -17.93
C GLN B 273 17.68 -11.17 -17.73
N TYR B 274 18.41 -11.39 -16.63
CA TYR B 274 19.65 -10.68 -16.41
C TYR B 274 20.84 -11.39 -17.03
N ARG B 275 20.69 -12.66 -17.39
CA ARG B 275 21.80 -13.37 -17.99
C ARG B 275 21.35 -14.38 -19.04
N LYS B 276 21.91 -14.24 -20.26
CA LYS B 276 21.66 -15.15 -21.38
C LYS B 276 22.99 -15.77 -21.82
N GLY B 277 23.24 -17.02 -21.41
CA GLY B 277 24.44 -17.72 -21.81
C GLY B 277 25.72 -17.20 -21.17
N ARG B 278 26.55 -16.52 -21.96
CA ARG B 278 27.77 -15.89 -21.45
C ARG B 278 27.67 -14.38 -21.41
N VAL B 279 26.52 -13.81 -21.77
CA VAL B 279 26.27 -12.37 -21.73
C VAL B 279 25.49 -12.01 -20.46
N PHE B 280 25.82 -10.87 -19.86
CA PHE B 280 25.13 -10.34 -18.69
C PHE B 280 24.77 -8.88 -18.92
N ILE B 281 23.74 -8.40 -18.22
CA ILE B 281 23.41 -6.98 -18.26
C ILE B 281 23.21 -6.50 -16.83
N ALA B 282 23.43 -5.19 -16.63
CA ALA B 282 23.55 -4.64 -15.29
C ALA B 282 23.29 -3.13 -15.30
N GLY B 283 22.79 -2.64 -14.16
CA GLY B 283 22.49 -1.22 -14.04
C GLY B 283 21.31 -0.84 -14.92
N ASP B 284 21.35 0.38 -15.45
CA ASP B 284 20.21 0.88 -16.22
C ASP B 284 19.96 0.02 -17.45
N ALA B 285 20.97 -0.70 -17.93
CA ALA B 285 20.69 -1.69 -18.97
C ALA B 285 19.66 -2.70 -18.54
N ALA B 286 19.59 -3.00 -17.23
CA ALA B 286 18.69 -4.03 -16.72
C ALA B 286 17.39 -3.48 -16.14
N HIS B 287 17.33 -2.22 -15.79
CA HIS B 287 16.15 -1.66 -15.13
C HIS B 287 16.28 -0.16 -15.11
N VAL B 288 15.13 0.52 -15.17
CA VAL B 288 15.12 1.98 -15.24
C VAL B 288 13.78 2.43 -14.68
N HIS B 289 13.74 3.66 -14.17
CA HIS B 289 12.57 4.13 -13.45
C HIS B 289 12.83 5.57 -13.01
N TYR B 290 11.80 6.19 -12.45
CA TYR B 290 11.89 7.57 -12.05
C TYR B 290 12.93 7.72 -10.95
N PRO B 291 13.73 8.74 -10.98
CA PRO B 291 14.92 8.75 -10.11
C PRO B 291 14.56 9.22 -8.70
N TYR B 292 14.37 8.25 -7.82
CA TYR B 292 14.01 8.51 -6.43
C TYR B 292 14.97 7.77 -5.50
N ASN B 293 15.27 8.39 -4.35
CA ASN B 293 15.99 7.75 -3.25
C ASN B 293 17.39 7.27 -3.64
N GLY B 294 17.93 7.71 -4.78
CA GLY B 294 19.19 7.15 -5.23
C GLY B 294 19.11 5.69 -5.60
N GLN B 295 17.91 5.17 -5.91
CA GLN B 295 17.79 3.74 -6.19
C GLN B 295 18.48 3.30 -7.47
N GLY B 296 18.52 4.15 -8.52
CA GLY B 296 19.12 3.70 -9.77
C GLY B 296 20.61 3.51 -9.61
N LEU B 297 21.28 4.50 -9.04
CA LEU B 297 22.67 4.34 -8.62
C LEU B 297 22.83 3.23 -7.57
N GLY B 298 21.86 3.04 -6.68
CA GLY B 298 22.00 1.98 -5.70
C GLY B 298 22.04 0.60 -6.36
N THR B 299 21.09 0.33 -7.25
CA THR B 299 20.97 -1.00 -7.85
C THR B 299 22.08 -1.25 -8.86
N ALA B 300 22.52 -0.20 -9.56
CA ALA B 300 23.65 -0.29 -10.47
C ALA B 300 24.92 -0.75 -9.74
N ILE B 301 25.36 0.02 -8.73
CA ILE B 301 26.49 -0.44 -7.91
C ILE B 301 26.23 -1.85 -7.36
N GLY B 302 25.00 -2.10 -6.88
CA GLY B 302 24.69 -3.41 -6.32
C GLY B 302 24.74 -4.56 -7.31
N ASP B 303 24.34 -4.32 -8.56
CA ASP B 303 24.44 -5.37 -9.57
C ASP B 303 25.90 -5.76 -9.78
N ALA B 304 26.76 -4.75 -9.96
CA ALA B 304 28.18 -5.01 -10.20
C ALA B 304 28.78 -5.82 -9.06
N VAL B 305 28.62 -5.34 -7.83
CA VAL B 305 29.21 -6.01 -6.68
C VAL B 305 28.74 -7.45 -6.63
N ASN B 306 27.47 -7.66 -6.97
CA ASN B 306 26.90 -9.01 -6.96
C ASN B 306 27.59 -9.90 -8.00
N LEU B 307 27.79 -9.39 -9.20
CA LEU B 307 28.22 -10.23 -10.30
C LEU B 307 29.74 -10.36 -10.37
N GLY B 308 30.48 -9.29 -10.09
CA GLY B 308 31.93 -9.28 -10.13
C GLY B 308 32.62 -10.46 -9.47
N TRP B 309 32.47 -10.60 -8.16
CA TRP B 309 33.13 -11.71 -7.48
C TRP B 309 32.66 -13.06 -8.01
N LYS B 310 31.43 -13.13 -8.52
CA LYS B 310 30.92 -14.39 -9.06
C LYS B 310 31.61 -14.75 -10.37
N ILE B 311 31.91 -13.75 -11.20
CA ILE B 311 32.59 -14.03 -12.47
C ILE B 311 34.03 -14.45 -12.21
N ALA B 312 34.74 -13.68 -11.38
CA ALA B 312 36.09 -14.07 -10.99
C ALA B 312 36.12 -15.49 -10.47
N ALA B 313 35.12 -15.85 -9.66
CA ALA B 313 35.07 -17.19 -9.05
C ALA B 313 35.14 -18.30 -10.09
N GLU B 314 34.40 -18.16 -11.21
CA GLU B 314 34.48 -19.18 -12.25
C GLU B 314 35.66 -18.97 -13.19
N VAL B 315 36.24 -17.77 -13.21
CA VAL B 315 37.48 -17.57 -13.95
C VAL B 315 38.60 -18.41 -13.35
N HIS B 316 38.65 -18.50 -12.02
CA HIS B 316 39.63 -19.29 -11.27
C HIS B 316 39.11 -20.69 -10.93
N GLY B 317 37.96 -21.09 -11.48
CA GLY B 317 37.53 -22.47 -11.46
C GLY B 317 37.13 -23.06 -10.11
N TRP B 318 36.60 -22.25 -9.19
CA TRP B 318 36.01 -22.79 -7.95
C TRP B 318 34.54 -22.44 -7.78
N ALA B 319 33.97 -21.67 -8.68
CA ALA B 319 32.57 -21.28 -8.54
C ALA B 319 31.67 -22.49 -8.72
N PRO B 320 30.84 -22.84 -7.73
CA PRO B 320 29.86 -23.91 -7.95
C PRO B 320 29.03 -23.62 -9.20
N ALA B 321 28.49 -24.68 -9.78
CA ALA B 321 27.69 -24.53 -10.99
C ALA B 321 26.54 -23.57 -10.77
N ASP B 322 26.02 -23.50 -9.54
CA ASP B 322 24.92 -22.61 -9.20
C ASP B 322 25.29 -21.15 -9.30
N LEU B 323 26.59 -20.82 -9.16
CA LEU B 323 26.96 -19.47 -8.76
C LEU B 323 26.38 -18.42 -9.70
N LEU B 324 26.76 -18.46 -10.97
CA LEU B 324 26.39 -17.34 -11.83
C LEU B 324 24.90 -17.27 -12.13
N ASP B 325 24.18 -18.37 -11.96
CA ASP B 325 22.72 -18.28 -12.08
C ASP B 325 22.11 -17.54 -10.90
N SER B 326 22.78 -17.56 -9.75
CA SER B 326 22.27 -16.82 -8.60
C SER B 326 22.32 -15.33 -8.84
N TYR B 327 23.14 -14.86 -9.79
CA TYR B 327 23.15 -13.44 -10.12
C TYR B 327 21.79 -12.98 -10.63
N HIS B 328 21.25 -13.68 -11.63
CA HIS B 328 19.92 -13.32 -12.10
C HIS B 328 18.89 -13.42 -10.98
N VAL B 329 18.97 -14.48 -10.19
CA VAL B 329 17.96 -14.69 -9.16
C VAL B 329 17.91 -13.49 -8.23
N GLU B 330 19.06 -13.15 -7.64
CA GLU B 330 19.09 -12.17 -6.56
C GLU B 330 18.90 -10.74 -7.05
N ARG B 331 19.29 -10.44 -8.29
CA ARG B 331 19.22 -9.08 -8.81
C ARG B 331 17.97 -8.80 -9.64
N HIS B 332 17.39 -9.81 -10.29
CA HIS B 332 16.07 -9.56 -10.87
C HIS B 332 15.06 -9.28 -9.77
N LEU B 333 15.32 -9.79 -8.56
CA LEU B 333 14.45 -9.43 -7.45
C LEU B 333 14.65 -7.97 -7.07
N ALA B 334 15.90 -7.52 -6.98
CA ALA B 334 16.09 -6.11 -6.65
C ALA B 334 15.59 -5.23 -7.80
N GLY B 335 15.81 -5.68 -9.04
CA GLY B 335 15.20 -4.99 -10.17
C GLY B 335 13.70 -4.85 -10.02
N ARG B 336 13.02 -5.94 -9.64
CA ARG B 336 11.56 -5.89 -9.55
C ARG B 336 11.12 -4.98 -8.43
N LEU B 337 11.76 -5.08 -7.26
CA LEU B 337 11.36 -4.29 -6.10
C LEU B 337 11.61 -2.80 -6.31
N ALA B 338 12.72 -2.42 -6.95
CA ALA B 338 12.94 -1.01 -7.30
C ALA B 338 11.85 -0.46 -8.23
N CYS B 339 11.69 -1.06 -9.42
CA CYS B 339 10.64 -0.64 -10.34
C CYS B 339 9.31 -0.47 -9.62
N MET B 340 8.97 -1.45 -8.79
CA MET B 340 7.68 -1.48 -8.12
C MET B 340 7.50 -0.25 -7.23
N ASN B 341 8.43 -0.04 -6.29
CA ASN B 341 8.15 0.97 -5.27
C ASN B 341 8.24 2.38 -5.84
N ILE B 342 9.06 2.59 -6.88
CA ILE B 342 9.08 3.93 -7.48
C ILE B 342 7.73 4.22 -8.16
N GLN B 343 7.20 3.26 -8.90
CA GLN B 343 5.87 3.46 -9.46
C GLN B 343 4.86 3.72 -8.36
N ALA B 344 5.03 3.04 -7.21
CA ALA B 344 4.08 3.29 -6.13
C ALA B 344 4.22 4.69 -5.61
N GLN B 345 5.41 5.29 -5.72
CA GLN B 345 5.56 6.65 -5.24
C GLN B 345 4.97 7.64 -6.22
N LEU B 346 5.13 7.38 -7.51
CA LEU B 346 4.46 8.22 -8.51
C LEU B 346 2.96 8.28 -8.25
N ALA B 347 2.36 7.12 -7.92
CA ALA B 347 0.92 7.03 -7.76
C ALA B 347 0.40 7.94 -6.67
N LEU B 348 1.28 8.46 -5.80
CA LEU B 348 0.84 9.44 -4.82
C LEU B 348 0.98 10.87 -5.33
N LEU B 349 1.33 11.06 -6.58
CA LEU B 349 1.42 12.40 -7.11
C LEU B 349 0.49 12.64 -8.29
N TYR B 350 0.30 11.64 -9.16
CA TYR B 350 -0.43 11.79 -10.41
C TYR B 350 -0.95 10.44 -10.87
N PRO B 351 -2.17 10.39 -11.44
CA PRO B 351 -3.15 11.47 -11.56
C PRO B 351 -3.76 11.87 -10.25
N ARG B 352 -4.19 13.14 -10.15
CA ARG B 352 -4.66 13.66 -8.87
C ARG B 352 -5.89 12.95 -8.31
N PRO B 353 -6.82 12.39 -9.09
CA PRO B 353 -7.83 11.51 -8.46
C PRO B 353 -7.23 10.24 -7.89
N LEU B 354 -6.17 9.72 -8.48
CA LEU B 354 -5.55 8.53 -7.91
C LEU B 354 -4.67 8.88 -6.71
N ALA B 355 -3.84 9.93 -6.84
CA ALA B 355 -2.98 10.33 -5.73
C ALA B 355 -3.79 10.54 -4.46
N ARG B 356 -5.00 11.11 -4.59
CA ARG B 356 -5.77 11.47 -3.40
C ARG B 356 -6.01 10.27 -2.49
N TYR B 357 -6.42 9.15 -3.09
CA TYR B 357 -6.75 7.97 -2.29
C TYR B 357 -5.51 7.14 -1.96
N MET B 358 -4.52 7.08 -2.85
CA MET B 358 -3.31 6.34 -2.51
C MET B 358 -2.59 7.00 -1.36
N ARG B 359 -2.60 8.32 -1.31
CA ARG B 359 -1.92 9.02 -0.21
C ARG B 359 -2.53 8.61 1.13
N GLU B 360 -3.85 8.74 1.25
CA GLU B 360 -4.54 8.25 2.44
C GLU B 360 -4.20 6.79 2.70
N MET B 361 -4.23 5.96 1.65
CA MET B 361 -3.88 4.55 1.81
C MET B 361 -2.51 4.40 2.44
N MET B 362 -1.52 5.14 1.93
CA MET B 362 -0.17 5.00 2.44
C MET B 362 -0.08 5.55 3.85
N GLY B 363 -0.78 6.67 4.10
CA GLY B 363 -0.94 7.14 5.46
C GLY B 363 -1.33 6.02 6.42
N GLU B 364 -2.23 5.14 5.99
CA GLU B 364 -2.63 4.05 6.86
C GLU B 364 -1.55 2.98 6.95
N PHE B 365 -0.91 2.61 5.83
CA PHE B 365 0.13 1.58 5.92
C PHE B 365 1.34 2.08 6.71
N LEU B 366 1.78 3.32 6.45
CA LEU B 366 2.96 3.84 7.10
C LEU B 366 2.82 3.94 8.62
N LYS B 367 1.62 3.74 9.15
CA LYS B 367 1.49 3.60 10.59
C LYS B 367 1.92 2.22 11.09
N PHE B 368 2.18 1.28 10.18
CA PHE B 368 2.65 -0.05 10.55
C PHE B 368 4.18 -0.08 10.46
N ASP B 369 4.81 -0.75 11.44
CA ASP B 369 6.26 -0.73 11.52
C ASP B 369 6.90 -1.60 10.44
N GLU B 370 6.29 -2.74 10.09
CA GLU B 370 6.89 -3.59 9.05
C GLU B 370 6.91 -2.90 7.70
N VAL B 371 5.90 -2.09 7.39
CA VAL B 371 5.96 -1.49 6.07
C VAL B 371 6.94 -0.33 6.08
N ASN B 372 7.06 0.39 7.20
CA ASN B 372 8.10 1.40 7.26
C ASN B 372 9.48 0.78 7.09
N VAL B 373 9.70 -0.37 7.73
CA VAL B 373 11.03 -0.98 7.67
C VAL B 373 11.28 -1.60 6.30
N PHE B 374 10.28 -2.32 5.78
CA PHE B 374 10.39 -2.89 4.43
C PHE B 374 10.69 -1.80 3.39
N LEU B 375 9.92 -0.70 3.40
CA LEU B 375 10.15 0.32 2.40
C LEU B 375 11.52 0.97 2.58
N ALA B 376 11.93 1.17 3.85
CA ALA B 376 13.19 1.86 4.13
C ALA B 376 14.37 1.05 3.64
N GLU B 377 14.38 -0.26 3.91
CA GLU B 377 15.44 -1.09 3.36
C GLU B 377 15.45 -1.06 1.82
N ILE B 378 14.27 -0.98 1.19
CA ILE B 378 14.19 -1.00 -0.27
C ILE B 378 14.69 0.31 -0.85
N VAL B 379 14.20 1.45 -0.35
CA VAL B 379 14.52 2.71 -1.05
C VAL B 379 15.96 3.14 -0.81
N THR B 380 16.61 2.62 0.24
CA THR B 380 18.01 2.90 0.49
C THR B 380 18.93 1.75 0.07
N ASN B 381 18.41 0.78 -0.66
CA ASN B 381 19.23 -0.32 -1.18
C ASN B 381 19.98 -1.09 -0.10
N LEU B 382 19.54 -0.97 1.16
CA LEU B 382 19.90 -1.95 2.18
C LEU B 382 19.24 -3.29 1.92
N GLY B 383 18.00 -3.27 1.46
CA GLY B 383 17.20 -4.45 1.36
C GLY B 383 17.59 -5.39 0.24
N PRO B 384 16.64 -5.69 -0.61
CA PRO B 384 16.41 -7.09 -1.00
C PRO B 384 17.42 -8.04 -0.36
N ALA B 385 17.00 -8.67 0.73
CA ALA B 385 17.82 -9.73 1.32
C ALA B 385 17.95 -10.90 0.35
N VAL B 386 19.17 -11.18 -0.10
CA VAL B 386 19.35 -12.32 -1.00
C VAL B 386 18.95 -13.59 -0.26
N PRO B 387 18.04 -14.40 -0.80
CA PRO B 387 17.52 -15.55 -0.04
C PRO B 387 18.64 -16.55 0.27
N ILE B 388 18.69 -16.99 1.53
CA ILE B 388 19.73 -17.92 1.98
C ILE B 388 19.04 -19.17 2.48
N ALA B 389 19.31 -20.31 1.84
CA ALA B 389 18.74 -21.56 2.33
C ALA B 389 19.55 -22.75 1.82
N TYR B 390 19.56 -23.81 2.63
CA TYR B 390 20.36 -25.00 2.34
C TYR B 390 19.51 -26.23 2.56
N GLU B 391 19.55 -27.15 1.60
CA GLU B 391 18.68 -28.31 1.64
C GLU B 391 18.94 -29.11 2.91
N GLY B 392 17.86 -29.51 3.56
CA GLY B 392 17.93 -30.32 4.77
C GLY B 392 18.02 -29.55 6.07
N VAL B 393 18.82 -28.51 6.08
CA VAL B 393 19.20 -27.77 7.30
C VAL B 393 17.98 -27.10 7.91
N PRO B 394 17.81 -27.11 9.23
CA PRO B 394 16.66 -26.41 9.83
C PRO B 394 16.80 -24.90 9.68
N GLU B 395 15.81 -24.30 9.02
CA GLU B 395 15.49 -22.89 9.03
C GLU B 395 15.91 -22.22 10.35
N PRO B 396 16.56 -21.04 10.31
CA PRO B 396 16.89 -20.37 11.57
C PRO B 396 15.66 -19.69 12.15
N VAL B 397 15.42 -20.04 13.42
CA VAL B 397 14.18 -19.87 14.18
C VAL B 397 13.16 -18.87 13.60
N GLU B 398 13.23 -17.57 13.92
CA GLU B 398 12.15 -16.69 13.42
C GLU B 398 12.62 -15.32 12.94
N GLY B 399 12.95 -14.42 13.86
CA GLY B 399 13.19 -13.03 13.54
C GLY B 399 14.66 -12.73 13.27
N ASP B 400 15.21 -13.44 12.29
CA ASP B 400 16.59 -13.24 11.87
C ASP B 400 16.59 -12.30 10.67
N ARG B 401 17.09 -11.07 10.88
CA ARG B 401 17.27 -10.14 9.78
C ARG B 401 18.74 -9.81 9.53
N LEU B 402 19.61 -10.80 9.72
CA LEU B 402 21.00 -10.72 9.26
C LEU B 402 21.22 -11.57 8.03
N LEU B 403 20.59 -12.74 7.98
CA LEU B 403 20.76 -13.66 6.86
C LEU B 403 20.43 -13.01 5.52
N GLY B 404 21.41 -13.06 4.61
CA GLY B 404 21.22 -12.55 3.27
C GLY B 404 21.32 -11.05 3.12
N ARG B 405 21.79 -10.35 4.14
CA ARG B 405 21.97 -8.90 4.16
C ARG B 405 23.43 -8.57 4.49
N ARG B 406 23.79 -7.30 4.33
CA ARG B 406 25.10 -6.84 4.76
C ARG B 406 25.00 -6.24 6.17
N LEU B 407 26.10 -6.35 6.92
CA LEU B 407 26.08 -5.99 8.34
C LEU B 407 25.84 -4.50 8.57
N PRO B 408 25.20 -4.15 9.68
CA PRO B 408 25.12 -2.74 10.11
C PRO B 408 26.51 -2.11 10.19
N LYS B 409 26.52 -0.78 10.25
CA LYS B 409 27.77 0.00 10.32
C LYS B 409 28.29 -0.06 11.76
N VAL B 410 28.92 -1.17 12.10
CA VAL B 410 29.35 -1.43 13.46
C VAL B 410 30.87 -1.49 13.49
N GLN B 411 31.45 -1.12 14.62
CA GLN B 411 32.90 -1.11 14.75
C GLN B 411 33.42 -2.47 15.20
N ILE B 412 34.46 -2.94 14.52
CA ILE B 412 35.14 -4.20 14.83
C ILE B 412 36.48 -3.88 15.49
N LYS B 413 36.73 -4.50 16.66
CA LYS B 413 37.97 -4.30 17.40
C LYS B 413 38.82 -5.56 17.24
N THR B 414 39.90 -5.47 16.49
CA THR B 414 40.75 -6.63 16.28
C THR B 414 42.18 -6.29 16.67
N ALA B 415 43.11 -7.17 16.28
CA ALA B 415 44.55 -7.13 16.54
C ALA B 415 45.05 -5.75 16.91
N ASP B 416 45.05 -4.84 15.93
CA ASP B 416 45.44 -3.46 16.20
C ASP B 416 44.71 -2.56 15.22
N GLY B 417 43.92 -1.64 15.76
CA GLY B 417 43.17 -0.73 14.95
C GLY B 417 41.71 -1.14 14.85
N ASP B 418 40.85 -0.36 15.48
CA ASP B 418 39.43 -0.56 15.29
C ASP B 418 39.03 -0.16 13.88
N MET B 419 37.83 -0.59 13.50
CA MET B 419 37.60 -0.88 12.10
C MET B 419 36.12 -0.88 11.80
N GLY B 420 35.76 -0.33 10.64
CA GLY B 420 34.42 -0.53 10.14
C GLY B 420 34.25 -1.97 9.63
N VAL B 421 33.11 -2.58 9.97
CA VAL B 421 32.88 -3.98 9.60
C VAL B 421 33.08 -4.21 8.10
N ALA B 422 32.68 -3.24 7.28
CA ALA B 422 32.74 -3.45 5.83
C ALA B 422 34.15 -3.33 5.28
N GLU B 423 35.10 -2.81 6.03
CA GLU B 423 36.44 -2.73 5.48
C GLU B 423 37.15 -4.08 5.59
N THR B 424 36.59 -5.02 6.37
CA THR B 424 37.13 -6.38 6.38
C THR B 424 36.98 -7.07 5.03
N LEU B 425 36.17 -6.53 4.12
CA LEU B 425 35.97 -7.13 2.81
C LEU B 425 36.82 -6.49 1.74
N GLN B 426 37.77 -5.63 2.11
CA GLN B 426 38.53 -4.91 1.09
C GLN B 426 39.50 -5.79 0.34
N SER B 427 39.85 -6.95 0.91
CA SER B 427 40.69 -7.90 0.16
C SER B 427 40.00 -8.34 -1.11
N GLY B 428 38.67 -8.48 -1.06
CA GLY B 428 37.90 -9.06 -2.14
C GLY B 428 37.43 -10.47 -1.87
N ARG B 429 37.82 -11.07 -0.74
CA ARG B 429 37.50 -12.46 -0.47
C ARG B 429 36.31 -12.56 0.47
N GLY B 430 35.89 -13.80 0.73
CA GLY B 430 34.97 -14.04 1.82
C GLY B 430 35.60 -13.72 3.16
N VAL B 431 34.75 -13.52 4.15
CA VAL B 431 35.21 -13.17 5.47
C VAL B 431 34.45 -14.02 6.47
N LEU B 432 35.17 -14.68 7.36
CA LEU B 432 34.55 -15.35 8.48
C LEU B 432 34.82 -14.49 9.71
N LEU B 433 33.75 -13.91 10.25
CA LEU B 433 33.83 -13.01 11.40
C LEU B 433 33.75 -13.85 12.67
N ASP B 434 34.79 -13.74 13.52
CA ASP B 434 34.82 -14.44 14.81
C ASP B 434 34.77 -13.38 15.92
N LEU B 435 33.61 -13.24 16.55
CA LEU B 435 33.39 -12.24 17.59
C LEU B 435 33.31 -12.89 18.97
N SER B 436 34.19 -13.85 19.24
CA SER B 436 34.22 -14.50 20.53
C SER B 436 35.07 -13.75 21.53
N GLY B 437 36.06 -13.00 21.06
CA GLY B 437 37.00 -12.33 21.91
C GLY B 437 38.21 -13.16 22.29
N ASP B 438 38.23 -14.43 21.91
CA ASP B 438 39.36 -15.30 22.22
C ASP B 438 39.80 -16.14 21.04
N ALA B 439 39.09 -16.11 19.91
CA ALA B 439 39.39 -16.85 18.68
C ALA B 439 39.14 -18.35 18.83
N SER B 440 37.90 -18.73 19.13
CA SER B 440 37.54 -20.13 19.38
C SER B 440 37.03 -20.87 18.14
N ALA B 441 36.50 -20.15 17.15
CA ALA B 441 35.82 -20.81 16.02
C ALA B 441 36.78 -21.73 15.26
N GLN B 442 36.23 -22.86 14.78
CA GLN B 442 37.00 -23.81 13.97
C GLN B 442 37.12 -23.26 12.55
N GLU B 443 38.31 -22.81 12.18
CA GLU B 443 38.59 -22.32 10.84
C GLU B 443 38.70 -23.53 9.89
N GLU B 444 37.66 -23.75 9.09
CA GLU B 444 37.69 -24.82 8.10
C GLU B 444 38.71 -24.43 7.02
N SER B 445 39.91 -24.99 7.13
CA SER B 445 41.05 -24.49 6.36
C SER B 445 40.88 -24.71 4.87
N GLY B 446 40.12 -25.72 4.47
CA GLY B 446 39.95 -26.03 3.05
C GLY B 446 39.49 -24.86 2.20
N TRP B 447 38.90 -23.84 2.82
CA TRP B 447 38.46 -22.64 2.12
C TRP B 447 39.29 -21.41 2.46
N ALA B 448 40.42 -21.59 3.17
CA ALA B 448 41.22 -20.46 3.60
C ALA B 448 41.78 -19.66 2.43
N ASP B 449 41.87 -20.27 1.25
CA ASP B 449 42.31 -19.54 0.05
C ASP B 449 41.26 -18.54 -0.42
N ARG B 450 39.98 -18.82 -0.16
CA ARG B 450 38.87 -17.99 -0.61
C ARG B 450 38.18 -17.24 0.53
N VAL B 451 38.53 -17.54 1.78
CA VAL B 451 37.89 -16.92 2.95
C VAL B 451 38.96 -16.49 3.94
N ASP B 452 38.83 -15.26 4.43
CA ASP B 452 39.70 -14.71 5.44
C ASP B 452 39.01 -14.80 6.79
N VAL B 453 39.76 -15.20 7.79
CA VAL B 453 39.23 -15.17 9.15
C VAL B 453 39.65 -13.85 9.79
N VAL B 454 38.75 -13.27 10.56
CA VAL B 454 39.04 -12.07 11.33
C VAL B 454 38.48 -12.28 12.73
N ARG B 455 39.37 -12.18 13.73
CA ARG B 455 39.06 -12.42 15.13
C ARG B 455 38.84 -11.09 15.81
N ALA B 456 37.80 -10.99 16.66
CA ALA B 456 37.46 -9.71 17.25
C ALA B 456 36.61 -9.91 18.51
N GLN B 457 36.52 -8.85 19.30
CA GLN B 457 35.69 -8.91 20.51
C GLN B 457 34.22 -8.91 20.12
N PRO B 458 33.37 -9.51 20.97
CA PRO B 458 31.94 -9.58 20.65
C PRO B 458 31.35 -8.21 20.35
N VAL B 459 30.22 -8.19 19.68
CA VAL B 459 29.66 -6.94 19.18
C VAL B 459 28.18 -6.92 19.51
N PRO B 460 27.67 -5.84 20.10
CA PRO B 460 26.27 -5.81 20.56
C PRO B 460 25.28 -6.24 19.49
N ASP B 461 24.20 -6.87 19.93
CA ASP B 461 23.17 -7.53 19.12
C ASP B 461 23.67 -8.06 17.77
N LEU B 462 24.81 -8.76 17.80
CA LEU B 462 25.37 -9.49 16.67
C LEU B 462 25.87 -10.85 17.15
N PRO B 463 25.63 -11.92 16.38
CA PRO B 463 25.96 -13.28 16.85
C PRO B 463 27.44 -13.48 17.11
N GLY B 464 27.82 -14.67 17.58
CA GLY B 464 29.20 -14.91 17.92
C GLY B 464 30.10 -15.08 16.72
N THR B 465 29.57 -15.63 15.62
CA THR B 465 30.38 -15.76 14.43
C THR B 465 29.50 -15.65 13.18
N LEU B 466 30.10 -15.12 12.10
CA LEU B 466 29.38 -14.85 10.87
C LEU B 466 30.28 -15.13 9.66
N LEU B 467 29.66 -15.65 8.60
CA LEU B 467 30.31 -15.88 7.32
C LEU B 467 29.75 -14.89 6.31
N LEU B 468 30.65 -14.19 5.61
CA LEU B 468 30.28 -13.18 4.62
C LEU B 468 30.72 -13.61 3.22
N ARG B 469 29.83 -13.51 2.25
CA ARG B 469 30.24 -13.64 0.85
C ARG B 469 31.10 -12.44 0.45
N PRO B 470 31.89 -12.55 -0.61
CA PRO B 470 32.69 -11.39 -1.04
C PRO B 470 31.87 -10.15 -1.44
N ASP B 471 30.55 -10.26 -1.64
CA ASP B 471 29.73 -9.06 -1.75
C ASP B 471 29.22 -8.56 -0.40
N GLY B 472 29.58 -9.23 0.69
CA GLY B 472 29.21 -8.79 2.01
C GLY B 472 27.94 -9.40 2.57
N CYS B 473 27.20 -10.15 1.77
CA CYS B 473 25.96 -10.73 2.27
C CYS B 473 26.28 -11.82 3.27
N VAL B 474 25.70 -11.69 4.47
CA VAL B 474 25.79 -12.72 5.49
C VAL B 474 25.17 -14.01 4.97
N ALA B 475 26.00 -15.03 4.81
CA ALA B 475 25.56 -16.34 4.34
C ALA B 475 25.36 -17.35 5.46
N TRP B 476 25.99 -17.13 6.61
CA TRP B 476 25.83 -18.04 7.73
C TRP B 476 26.12 -17.26 9.00
N HIS B 477 25.50 -17.68 10.10
CA HIS B 477 25.87 -17.22 11.42
C HIS B 477 25.30 -18.23 12.42
N ASP B 478 25.74 -18.12 13.68
CA ASP B 478 25.30 -19.06 14.70
C ASP B 478 24.44 -18.41 15.78
N GLY B 479 23.91 -17.21 15.52
CA GLY B 479 22.94 -16.65 16.44
C GLY B 479 21.66 -17.46 16.51
N GLY B 480 21.28 -18.10 15.40
CA GLY B 480 20.10 -18.95 15.36
C GLY B 480 20.47 -20.33 15.83
N GLY B 481 19.82 -21.32 15.25
CA GLY B 481 20.22 -22.67 15.59
C GLY B 481 21.48 -23.18 14.94
N TRP B 482 22.11 -22.42 14.05
CA TRP B 482 23.13 -22.98 13.17
C TRP B 482 24.49 -23.11 13.86
N GLY B 483 25.33 -23.91 13.24
CA GLY B 483 26.64 -24.21 13.77
C GLY B 483 27.53 -24.77 12.68
N GLN B 484 28.59 -25.47 13.11
CA GLN B 484 29.66 -25.81 12.19
C GLN B 484 29.20 -26.68 11.04
N ASP B 485 28.22 -27.55 11.27
CA ASP B 485 27.76 -28.41 10.18
C ASP B 485 27.06 -27.59 9.11
N GLU B 486 26.09 -26.78 9.53
CA GLU B 486 25.48 -25.83 8.62
C GLU B 486 26.51 -24.87 8.05
N LEU B 487 27.56 -24.56 8.82
CA LEU B 487 28.59 -23.66 8.31
C LEU B 487 29.26 -24.24 7.07
N ARG B 488 29.55 -25.54 7.07
CA ARG B 488 30.28 -26.14 5.96
C ARG B 488 29.44 -26.13 4.69
N THR B 489 28.22 -26.65 4.75
CA THR B 489 27.36 -26.65 3.56
C THR B 489 27.18 -25.23 3.04
N ALA B 490 27.28 -24.22 3.90
CA ALA B 490 27.22 -22.84 3.43
C ALA B 490 28.47 -22.46 2.63
N LEU B 491 29.63 -23.02 2.98
CA LEU B 491 30.82 -22.73 2.18
C LEU B 491 30.89 -23.58 0.93
N ARG B 492 30.31 -24.79 0.96
CA ARG B 492 30.25 -25.58 -0.25
C ARG B 492 29.43 -24.85 -1.33
N THR B 493 28.21 -24.44 -0.99
CA THR B 493 27.54 -23.36 -1.68
C THR B 493 28.44 -22.11 -1.67
N TRP B 494 28.20 -21.23 -2.64
CA TRP B 494 28.87 -19.91 -2.65
C TRP B 494 30.39 -19.95 -2.75
N PHE B 495 31.06 -20.97 -2.20
CA PHE B 495 32.51 -21.06 -2.27
C PHE B 495 33.05 -22.36 -2.86
N GLY B 496 32.20 -23.30 -3.25
CA GLY B 496 32.66 -24.48 -3.93
C GLY B 496 33.38 -25.48 -3.03
N ALA B 497 34.14 -26.36 -3.69
CA ALA B 497 34.79 -27.51 -3.07
C ALA B 497 36.03 -27.08 -2.28
N PRO B 498 36.18 -27.58 -1.05
CA PRO B 498 37.38 -27.24 -0.27
C PRO B 498 38.62 -27.83 -0.92
N THR B 499 39.74 -27.13 -0.76
CA THR B 499 41.01 -27.57 -1.33
C THR B 499 41.51 -28.85 -0.66
#